data_1DA1
# 
_entry.id   1DA1 
# 
_audit_conform.dict_name       mmcif_pdbx.dic 
_audit_conform.dict_version    5.385 
_audit_conform.dict_location   http://mmcif.pdb.org/dictionaries/ascii/mmcif_pdbx.dic 
# 
loop_
_database_2.database_id 
_database_2.database_code 
_database_2.pdbx_database_accession 
_database_2.pdbx_DOI 
PDB   1DA1         pdb_00001da1 10.2210/pdb1da1/pdb 
RCSB  ZDFB14       ?            ?                   
WWPDB D_1000172696 ?            ?                   
# 
loop_
_pdbx_audit_revision_history.ordinal 
_pdbx_audit_revision_history.data_content_type 
_pdbx_audit_revision_history.major_revision 
_pdbx_audit_revision_history.minor_revision 
_pdbx_audit_revision_history.revision_date 
1 'Structure model' 1 0 1993-07-15 
2 'Structure model' 1 1 2008-05-22 
3 'Structure model' 1 2 2011-07-13 
4 'Structure model' 1 3 2024-02-07 
# 
_pdbx_audit_revision_details.ordinal             1 
_pdbx_audit_revision_details.revision_ordinal    1 
_pdbx_audit_revision_details.data_content_type   'Structure model' 
_pdbx_audit_revision_details.provider            repository 
_pdbx_audit_revision_details.type                'Initial release' 
_pdbx_audit_revision_details.description         ? 
_pdbx_audit_revision_details.details             ? 
# 
loop_
_pdbx_audit_revision_group.ordinal 
_pdbx_audit_revision_group.revision_ordinal 
_pdbx_audit_revision_group.data_content_type 
_pdbx_audit_revision_group.group 
1 2 'Structure model' 'Version format compliance' 
2 3 'Structure model' 'Version format compliance' 
3 4 'Structure model' 'Data collection'           
4 4 'Structure model' 'Database references'       
5 4 'Structure model' 'Derived calculations'      
# 
loop_
_pdbx_audit_revision_category.ordinal 
_pdbx_audit_revision_category.revision_ordinal 
_pdbx_audit_revision_category.data_content_type 
_pdbx_audit_revision_category.category 
1 4 'Structure model' chem_comp_atom   
2 4 'Structure model' chem_comp_bond   
3 4 'Structure model' database_2       
4 4 'Structure model' struct_conn      
5 4 'Structure model' struct_conn_type 
6 4 'Structure model' struct_site      
# 
loop_
_pdbx_audit_revision_item.ordinal 
_pdbx_audit_revision_item.revision_ordinal 
_pdbx_audit_revision_item.data_content_type 
_pdbx_audit_revision_item.item 
1  4 'Structure model' '_database_2.pdbx_DOI'                
2  4 'Structure model' '_database_2.pdbx_database_accession' 
3  4 'Structure model' '_struct_conn.conn_type_id'           
4  4 'Structure model' '_struct_conn.id'                     
5  4 'Structure model' '_struct_conn.pdbx_dist_value'        
6  4 'Structure model' '_struct_conn.pdbx_leaving_atom_flag' 
7  4 'Structure model' '_struct_conn.ptnr1_auth_asym_id'     
8  4 'Structure model' '_struct_conn.ptnr1_auth_comp_id'     
9  4 'Structure model' '_struct_conn.ptnr1_auth_seq_id'      
10 4 'Structure model' '_struct_conn.ptnr1_label_asym_id'    
11 4 'Structure model' '_struct_conn.ptnr1_label_atom_id'    
12 4 'Structure model' '_struct_conn.ptnr1_label_comp_id'    
13 4 'Structure model' '_struct_conn.ptnr1_label_seq_id'     
14 4 'Structure model' '_struct_conn.ptnr2_auth_asym_id'     
15 4 'Structure model' '_struct_conn.ptnr2_auth_comp_id'     
16 4 'Structure model' '_struct_conn.ptnr2_auth_seq_id'      
17 4 'Structure model' '_struct_conn.ptnr2_label_asym_id'    
18 4 'Structure model' '_struct_conn.ptnr2_label_atom_id'    
19 4 'Structure model' '_struct_conn.ptnr2_label_comp_id'    
20 4 'Structure model' '_struct_conn.ptnr2_label_seq_id'     
21 4 'Structure model' '_struct_conn_type.id'                
22 4 'Structure model' '_struct_site.pdbx_auth_asym_id'      
23 4 'Structure model' '_struct_site.pdbx_auth_comp_id'      
24 4 'Structure model' '_struct_site.pdbx_auth_seq_id'       
# 
_pdbx_database_status.status_code                     REL 
_pdbx_database_status.entry_id                        1DA1 
_pdbx_database_status.recvd_initial_deposition_date   1992-10-17 
_pdbx_database_status.deposit_site                    BNL 
_pdbx_database_status.process_site                    NDB 
_pdbx_database_status.SG_entry                        . 
_pdbx_database_status.pdb_format_compatible           Y 
_pdbx_database_status.status_code_mr                  ? 
_pdbx_database_status.status_code_sf                  ? 
_pdbx_database_status.status_code_cs                  ? 
_pdbx_database_status.status_code_nmr_data            ? 
_pdbx_database_status.methods_development_category    ? 
# 
loop_
_audit_author.name 
_audit_author.pdbx_ordinal 
'Brown, T.'    1 
'Kneale, G.'   2 
'Hunter, W.N.' 3 
'Kennard, O.'  4 
# 
_citation.id                        primary 
_citation.title                     
'Structural characterisation of the bromouracil.guanine base pair mismatch in a Z-DNA fragment.' 
_citation.journal_abbrev            'Nucleic Acids Res.' 
_citation.journal_volume            14 
_citation.page_first                1801 
_citation.page_last                 1809 
_citation.year                      1986 
_citation.journal_id_ASTM           NARHAD 
_citation.country                   UK 
_citation.journal_id_ISSN           0305-1048 
_citation.journal_id_CSD            0389 
_citation.book_publisher            ? 
_citation.pdbx_database_id_PubMed   3951996 
_citation.pdbx_database_id_DOI      10.1093/nar/14.4.1801 
# 
loop_
_citation_author.citation_id 
_citation_author.name 
_citation_author.ordinal 
_citation_author.identifier_ORCID 
primary 'Brown, T.'    1 ? 
primary 'Kneale, G.'   2 ? 
primary 'Hunter, W.N.' 3 ? 
primary 'Kennard, O.'  4 ? 
# 
loop_
_entity.id 
_entity.type 
_entity.src_method 
_entity.pdbx_description 
_entity.formula_weight 
_entity.pdbx_number_of_molecules 
_entity.pdbx_ec 
_entity.pdbx_mutation 
_entity.pdbx_fragment 
_entity.details 
1 polymer     syn 
;DNA (5'-D(*(BRU)P*GP*CP*GP*CP*G)-3')
;
1890.086 2  ? ? ? ? 
2 non-polymer syn 'MAGNESIUM ION'                        24.305   1  ? ? ? ? 
3 water       nat water                                  18.015   67 ? ? ? ? 
# 
_entity_poly.entity_id                      1 
_entity_poly.type                           polydeoxyribonucleotide 
_entity_poly.nstd_linkage                   no 
_entity_poly.nstd_monomer                   yes 
_entity_poly.pdbx_seq_one_letter_code       '(BRU)(DG)(DC)(DG)(DC)(DG)' 
_entity_poly.pdbx_seq_one_letter_code_can   UGCGCG 
_entity_poly.pdbx_strand_id                 A,B 
_entity_poly.pdbx_target_identifier         ? 
# 
loop_
_pdbx_entity_nonpoly.entity_id 
_pdbx_entity_nonpoly.name 
_pdbx_entity_nonpoly.comp_id 
2 'MAGNESIUM ION' MG  
3 water           HOH 
# 
loop_
_entity_poly_seq.entity_id 
_entity_poly_seq.num 
_entity_poly_seq.mon_id 
_entity_poly_seq.hetero 
1 1 BRU n 
1 2 DG  n 
1 3 DC  n 
1 4 DG  n 
1 5 DC  n 
1 6 DG  n 
# 
loop_
_chem_comp.id 
_chem_comp.type 
_chem_comp.mon_nstd_flag 
_chem_comp.name 
_chem_comp.pdbx_synonyms 
_chem_comp.formula 
_chem_comp.formula_weight 
BRU 'DNA linking' n "5-BROMO-2'-DEOXYURIDINE-5'-MONOPHOSPHATE" ? 'C9 H12 Br N2 O8 P' 387.078 
DC  'DNA linking' y "2'-DEOXYCYTIDINE-5'-MONOPHOSPHATE"        ? 'C9 H14 N3 O7 P'    307.197 
DG  'DNA linking' y "2'-DEOXYGUANOSINE-5'-MONOPHOSPHATE"       ? 'C10 H14 N5 O7 P'   347.221 
HOH non-polymer   . WATER                                      ? 'H2 O'              18.015  
MG  non-polymer   . 'MAGNESIUM ION'                            ? 'Mg 2'              24.305  
# 
loop_
_pdbx_poly_seq_scheme.asym_id 
_pdbx_poly_seq_scheme.entity_id 
_pdbx_poly_seq_scheme.seq_id 
_pdbx_poly_seq_scheme.mon_id 
_pdbx_poly_seq_scheme.ndb_seq_num 
_pdbx_poly_seq_scheme.pdb_seq_num 
_pdbx_poly_seq_scheme.auth_seq_num 
_pdbx_poly_seq_scheme.pdb_mon_id 
_pdbx_poly_seq_scheme.auth_mon_id 
_pdbx_poly_seq_scheme.pdb_strand_id 
_pdbx_poly_seq_scheme.pdb_ins_code 
_pdbx_poly_seq_scheme.hetero 
A 1 1 BRU 1 1  1  BRU +U A . n 
A 1 2 DG  2 2  2  DG  G  A . n 
A 1 3 DC  3 3  3  DC  C  A . n 
A 1 4 DG  4 4  4  DG  G  A . n 
A 1 5 DC  5 5  5  DC  C  A . n 
A 1 6 DG  6 6  6  DG  G  A . n 
B 1 1 BRU 1 7  7  BRU +U B . n 
B 1 2 DG  2 8  8  DG  G  B . n 
B 1 3 DC  3 9  9  DC  C  B . n 
B 1 4 DG  4 10 10 DG  G  B . n 
B 1 5 DC  5 11 11 DC  C  B . n 
B 1 6 DG  6 12 12 DG  G  B . n 
# 
loop_
_pdbx_nonpoly_scheme.asym_id 
_pdbx_nonpoly_scheme.entity_id 
_pdbx_nonpoly_scheme.mon_id 
_pdbx_nonpoly_scheme.ndb_seq_num 
_pdbx_nonpoly_scheme.pdb_seq_num 
_pdbx_nonpoly_scheme.auth_seq_num 
_pdbx_nonpoly_scheme.pdb_mon_id 
_pdbx_nonpoly_scheme.auth_mon_id 
_pdbx_nonpoly_scheme.pdb_strand_id 
_pdbx_nonpoly_scheme.pdb_ins_code 
C 2 MG  1  13 13 MG  MG  B . 
D 3 HOH 1  15 15 HOH HOH A . 
D 3 HOH 2  17 17 HOH HOH A . 
D 3 HOH 3  18 18 HOH HOH A . 
D 3 HOH 4  20 20 HOH HOH A . 
D 3 HOH 5  22 22 HOH HOH A . 
D 3 HOH 6  23 23 HOH HOH A . 
D 3 HOH 7  24 24 HOH HOH A . 
D 3 HOH 8  26 26 HOH HOH A . 
D 3 HOH 9  28 28 HOH HOH A . 
D 3 HOH 10 30 30 HOH HOH A . 
D 3 HOH 11 31 31 HOH HOH A . 
D 3 HOH 12 32 32 HOH HOH A . 
D 3 HOH 13 38 38 HOH HOH A . 
D 3 HOH 14 41 41 HOH HOH A . 
D 3 HOH 15 43 43 HOH HOH A . 
D 3 HOH 16 44 44 HOH HOH A . 
D 3 HOH 17 45 45 HOH HOH A . 
D 3 HOH 18 47 47 HOH HOH A . 
D 3 HOH 19 55 55 HOH HOH A . 
D 3 HOH 20 62 62 HOH HOH A . 
D 3 HOH 21 63 63 HOH HOH A . 
D 3 HOH 22 67 67 HOH HOH A . 
D 3 HOH 23 73 73 HOH HOH A . 
D 3 HOH 24 74 74 HOH HOH A . 
D 3 HOH 25 75 75 HOH HOH A . 
D 3 HOH 26 76 76 HOH HOH A . 
E 3 HOH 1  14 14 HOH HOH B . 
E 3 HOH 2  16 16 HOH HOH B . 
E 3 HOH 3  19 19 HOH HOH B . 
E 3 HOH 4  21 21 HOH HOH B . 
E 3 HOH 5  25 25 HOH HOH B . 
E 3 HOH 6  27 27 HOH HOH B . 
E 3 HOH 7  29 29 HOH HOH B . 
E 3 HOH 8  33 33 HOH HOH B . 
E 3 HOH 9  34 34 HOH HOH B . 
E 3 HOH 10 35 35 HOH HOH B . 
E 3 HOH 11 36 36 HOH HOH B . 
E 3 HOH 12 37 37 HOH HOH B . 
E 3 HOH 13 39 39 HOH HOH B . 
E 3 HOH 14 40 40 HOH HOH B . 
E 3 HOH 15 42 42 HOH HOH B . 
E 3 HOH 16 46 46 HOH HOH B . 
E 3 HOH 17 48 48 HOH HOH B . 
E 3 HOH 18 49 49 HOH HOH B . 
E 3 HOH 19 50 50 HOH HOH B . 
E 3 HOH 20 51 51 HOH HOH B . 
E 3 HOH 21 52 52 HOH HOH B . 
E 3 HOH 22 53 53 HOH HOH B . 
E 3 HOH 23 54 54 HOH HOH B . 
E 3 HOH 24 56 56 HOH HOH B . 
E 3 HOH 25 57 57 HOH HOH B . 
E 3 HOH 26 58 58 HOH HOH B . 
E 3 HOH 27 59 59 HOH HOH B . 
E 3 HOH 28 60 60 HOH HOH B . 
E 3 HOH 29 61 61 HOH HOH B . 
E 3 HOH 30 64 64 HOH HOH B . 
E 3 HOH 31 65 65 HOH HOH B . 
E 3 HOH 32 66 66 HOH HOH B . 
E 3 HOH 33 68 68 HOH HOH B . 
E 3 HOH 34 69 69 HOH HOH B . 
E 3 HOH 35 70 70 HOH HOH B . 
E 3 HOH 36 71 71 HOH HOH B . 
E 3 HOH 37 72 72 HOH HOH B . 
E 3 HOH 38 77 77 HOH HOH B . 
E 3 HOH 39 78 78 HOH HOH B . 
E 3 HOH 40 79 79 HOH HOH B . 
E 3 HOH 41 80 80 HOH HOH B . 
# 
_software.name             NUCLSQ 
_software.classification   refinement 
_software.version          . 
_software.citation_id      ? 
_software.pdbx_ordinal     1 
# 
_cell.entry_id           1DA1 
_cell.length_a           17.940 
_cell.length_b           30.850 
_cell.length_c           49.950 
_cell.angle_alpha        90.00 
_cell.angle_beta         90.00 
_cell.angle_gamma        90.00 
_cell.Z_PDB              8 
_cell.pdbx_unique_axis   ? 
# 
_symmetry.entry_id                         1DA1 
_symmetry.space_group_name_H-M             'P 21 21 21' 
_symmetry.pdbx_full_space_group_name_H-M   ? 
_symmetry.cell_setting                     ? 
_symmetry.Int_Tables_number                19 
# 
_exptl.entry_id          1DA1 
_exptl.method            'X-RAY DIFFRACTION' 
_exptl.crystals_number   ? 
# 
_exptl_crystal.id                    1 
_exptl_crystal.density_meas          ? 
_exptl_crystal.density_Matthews      1.83 
_exptl_crystal.density_percent_sol   32.72 
_exptl_crystal.description           ? 
# 
_exptl_crystal_grow.crystal_id      1 
_exptl_crystal_grow.method          'VAPOR DIFFUSION' 
_exptl_crystal_grow.temp            277.00 
_exptl_crystal_grow.temp_details    ? 
_exptl_crystal_grow.pH              8.20 
_exptl_crystal_grow.pdbx_details    'pH 8.20, VAPOR DIFFUSION, temperature 277.00K' 
_exptl_crystal_grow.pdbx_pH_range   ? 
# 
loop_
_exptl_crystal_grow_comp.crystal_id 
_exptl_crystal_grow_comp.id 
_exptl_crystal_grow_comp.sol_id 
_exptl_crystal_grow_comp.name 
_exptl_crystal_grow_comp.volume 
_exptl_crystal_grow_comp.conc 
_exptl_crystal_grow_comp.details 
1 1 1 WATER                ? ? ? 
1 2 1 MGCL2                ? ? ? 
1 3 1 SPERMINE             ? ? ? 
1 4 1 BIS-TRIS-PROPANE_HCL ? ? ? 
1 5 1 'NA ACETATE'         ? ? ? 
1 6 2 WATER                ? ? ? 
1 7 2 ISOPROPANOL          ? ? ? 
# 
_diffrn.id                     1 
_diffrn.ambient_temp           277.00 
_diffrn.ambient_temp_details   ? 
_diffrn.crystal_id             1 
# 
_diffrn_detector.diffrn_id              1 
_diffrn_detector.detector               DIFFRACTOMETER 
_diffrn_detector.type                   'SYNTEX P21' 
_diffrn_detector.pdbx_collection_date   ? 
_diffrn_detector.details                ? 
# 
_diffrn_radiation.diffrn_id                        1 
_diffrn_radiation.wavelength_id                    1 
_diffrn_radiation.pdbx_monochromatic_or_laue_m_l   ? 
_diffrn_radiation.monochromator                    ? 
_diffrn_radiation.pdbx_diffrn_protocol             ? 
_diffrn_radiation.pdbx_scattering_type             x-ray 
# 
_diffrn_radiation_wavelength.id           1 
_diffrn_radiation_wavelength.wavelength   . 
_diffrn_radiation_wavelength.wt           1.0 
# 
_diffrn_source.diffrn_id                   1 
_diffrn_source.source                      ? 
_diffrn_source.type                        ? 
_diffrn_source.pdbx_synchrotron_site       ? 
_diffrn_source.pdbx_synchrotron_beamline   ? 
_diffrn_source.pdbx_wavelength             ? 
_diffrn_source.pdbx_wavelength_list        ? 
# 
_reflns.entry_id                     1DA1 
_reflns.observed_criterion_sigma_I   ? 
_reflns.observed_criterion_sigma_F   2.000 
_reflns.d_resolution_low             ? 
_reflns.d_resolution_high            2.250 
_reflns.number_obs                   1105 
_reflns.number_all                   1336 
_reflns.percent_possible_obs         ? 
_reflns.pdbx_Rmerge_I_obs            ? 
_reflns.pdbx_Rsym_value              ? 
_reflns.pdbx_netI_over_sigmaI        ? 
_reflns.B_iso_Wilson_estimate        ? 
_reflns.pdbx_redundancy              ? 
_reflns.pdbx_diffrn_id               1 
_reflns.pdbx_ordinal                 1 
# 
_refine.entry_id                                 1DA1 
_refine.ls_number_reflns_obs                     1105 
_refine.ls_number_reflns_all                     ? 
_refine.pdbx_ls_sigma_I                          ? 
_refine.pdbx_ls_sigma_F                          2.000 
_refine.pdbx_data_cutoff_high_absF               ? 
_refine.pdbx_data_cutoff_low_absF                ? 
_refine.pdbx_data_cutoff_high_rms_absF           ? 
_refine.ls_d_res_low                             ? 
_refine.ls_d_res_high                            2.250 
_refine.ls_percent_reflns_obs                    ? 
_refine.ls_R_factor_obs                          0.156 
_refine.ls_R_factor_all                          ? 
_refine.ls_R_factor_R_work                       ? 
_refine.ls_R_factor_R_free                       ? 
_refine.ls_R_factor_R_free_error                 ? 
_refine.ls_R_factor_R_free_error_details         ? 
_refine.ls_percent_reflns_R_free                 ? 
_refine.ls_number_reflns_R_free                  ? 
_refine.ls_number_parameters                     ? 
_refine.ls_number_restraints                     ? 
_refine.occupancy_min                            ? 
_refine.occupancy_max                            ? 
_refine.B_iso_mean                               ? 
_refine.aniso_B[1][1]                            ? 
_refine.aniso_B[2][2]                            ? 
_refine.aniso_B[3][3]                            ? 
_refine.aniso_B[1][2]                            ? 
_refine.aniso_B[1][3]                            ? 
_refine.aniso_B[2][3]                            ? 
_refine.solvent_model_details                    ? 
_refine.solvent_model_param_ksol                 ? 
_refine.solvent_model_param_bsol                 ? 
_refine.pdbx_ls_cross_valid_method               ? 
_refine.details                                  ? 
_refine.pdbx_starting_model                      ? 
_refine.pdbx_method_to_determine_struct          ? 
_refine.pdbx_isotropic_thermal_model             ? 
_refine.pdbx_stereochemistry_target_values       ? 
_refine.pdbx_stereochem_target_val_spec_case     ? 
_refine.pdbx_R_Free_selection_details            ? 
_refine.pdbx_overall_ESU_R                       ? 
_refine.pdbx_overall_ESU_R_Free                  ? 
_refine.overall_SU_ML                            ? 
_refine.overall_SU_B                             ? 
_refine.pdbx_refine_id                           'X-RAY DIFFRACTION' 
_refine.pdbx_diffrn_id                           1 
_refine.pdbx_TLS_residual_ADP_flag               ? 
_refine.correlation_coeff_Fo_to_Fc               ? 
_refine.correlation_coeff_Fo_to_Fc_free          ? 
_refine.pdbx_solvent_vdw_probe_radii             ? 
_refine.pdbx_solvent_ion_probe_radii             ? 
_refine.pdbx_solvent_shrinkage_radii             ? 
_refine.pdbx_overall_phase_error                 ? 
_refine.overall_SU_R_Cruickshank_DPI             ? 
_refine.pdbx_overall_SU_R_free_Cruickshank_DPI   ? 
_refine.pdbx_overall_SU_R_Blow_DPI               ? 
_refine.pdbx_overall_SU_R_free_Blow_DPI          ? 
# 
_refine_hist.pdbx_refine_id                   'X-RAY DIFFRACTION' 
_refine_hist.cycle_id                         LAST 
_refine_hist.pdbx_number_atoms_protein        0 
_refine_hist.pdbx_number_atoms_nucleic_acid   240 
_refine_hist.pdbx_number_atoms_ligand         3 
_refine_hist.number_atoms_solvent             67 
_refine_hist.number_atoms_total               310 
_refine_hist.d_res_high                       2.250 
_refine_hist.d_res_low                        . 
# 
_struct.entry_id                  1DA1 
_struct.title                     'STRUCTURAL CHARACTERISATION OF THE BROMOURACIL-GUANINE BASE PAIR MISMATCH IN A Z-DNA FRAGMENT' 
_struct.pdbx_model_details        ? 
_struct.pdbx_CASP_flag            ? 
_struct.pdbx_model_type_details   ? 
# 
_struct_keywords.entry_id        1DA1 
_struct_keywords.pdbx_keywords   DNA 
_struct_keywords.text            'Z-DNA, DOUBLE HELIX, MODIFIED, MISMATCHED, DNA' 
# 
loop_
_struct_asym.id 
_struct_asym.pdbx_blank_PDB_chainid_flag 
_struct_asym.pdbx_modified 
_struct_asym.entity_id 
_struct_asym.details 
A N N 1 ? 
B N N 1 ? 
C N N 2 ? 
D N N 3 ? 
E N N 3 ? 
# 
_struct_ref.id                         1 
_struct_ref.entity_id                  1 
_struct_ref.db_name                    PDB 
_struct_ref.db_code                    1DA1 
_struct_ref.pdbx_db_accession          1DA1 
_struct_ref.pdbx_db_isoform            ? 
_struct_ref.pdbx_seq_one_letter_code   ? 
_struct_ref.pdbx_align_begin           ? 
# 
loop_
_struct_ref_seq.align_id 
_struct_ref_seq.ref_id 
_struct_ref_seq.pdbx_PDB_id_code 
_struct_ref_seq.pdbx_strand_id 
_struct_ref_seq.seq_align_beg 
_struct_ref_seq.pdbx_seq_align_beg_ins_code 
_struct_ref_seq.seq_align_end 
_struct_ref_seq.pdbx_seq_align_end_ins_code 
_struct_ref_seq.pdbx_db_accession 
_struct_ref_seq.db_align_beg 
_struct_ref_seq.pdbx_db_align_beg_ins_code 
_struct_ref_seq.db_align_end 
_struct_ref_seq.pdbx_db_align_end_ins_code 
_struct_ref_seq.pdbx_auth_seq_align_beg 
_struct_ref_seq.pdbx_auth_seq_align_end 
1 1 1DA1 A 1 ? 6 ? 1DA1 1 ? 6  ? 1 6  
2 1 1DA1 B 1 ? 6 ? 1DA1 7 ? 12 ? 7 12 
# 
_pdbx_struct_assembly.id                   1 
_pdbx_struct_assembly.details              author_defined_assembly 
_pdbx_struct_assembly.method_details       ? 
_pdbx_struct_assembly.oligomeric_details   dimeric 
_pdbx_struct_assembly.oligomeric_count     2 
# 
_pdbx_struct_assembly_gen.assembly_id       1 
_pdbx_struct_assembly_gen.oper_expression   1 
_pdbx_struct_assembly_gen.asym_id_list      A,B,C,D,E 
# 
_pdbx_struct_oper_list.id                   1 
_pdbx_struct_oper_list.type                 'identity operation' 
_pdbx_struct_oper_list.name                 1_555 
_pdbx_struct_oper_list.symmetry_operation   x,y,z 
_pdbx_struct_oper_list.matrix[1][1]         1.0000000000 
_pdbx_struct_oper_list.matrix[1][2]         0.0000000000 
_pdbx_struct_oper_list.matrix[1][3]         0.0000000000 
_pdbx_struct_oper_list.vector[1]            0.0000000000 
_pdbx_struct_oper_list.matrix[2][1]         0.0000000000 
_pdbx_struct_oper_list.matrix[2][2]         1.0000000000 
_pdbx_struct_oper_list.matrix[2][3]         0.0000000000 
_pdbx_struct_oper_list.vector[2]            0.0000000000 
_pdbx_struct_oper_list.matrix[3][1]         0.0000000000 
_pdbx_struct_oper_list.matrix[3][2]         0.0000000000 
_pdbx_struct_oper_list.matrix[3][3]         1.0000000000 
_pdbx_struct_oper_list.vector[3]            0.0000000000 
# 
_struct_biol.id   1 
# 
loop_
_struct_conn.id 
_struct_conn.conn_type_id 
_struct_conn.pdbx_leaving_atom_flag 
_struct_conn.pdbx_PDB_id 
_struct_conn.ptnr1_label_asym_id 
_struct_conn.ptnr1_label_comp_id 
_struct_conn.ptnr1_label_seq_id 
_struct_conn.ptnr1_label_atom_id 
_struct_conn.pdbx_ptnr1_label_alt_id 
_struct_conn.pdbx_ptnr1_PDB_ins_code 
_struct_conn.pdbx_ptnr1_standard_comp_id 
_struct_conn.ptnr1_symmetry 
_struct_conn.ptnr2_label_asym_id 
_struct_conn.ptnr2_label_comp_id 
_struct_conn.ptnr2_label_seq_id 
_struct_conn.ptnr2_label_atom_id 
_struct_conn.pdbx_ptnr2_label_alt_id 
_struct_conn.pdbx_ptnr2_PDB_ins_code 
_struct_conn.ptnr1_auth_asym_id 
_struct_conn.ptnr1_auth_comp_id 
_struct_conn.ptnr1_auth_seq_id 
_struct_conn.ptnr2_auth_asym_id 
_struct_conn.ptnr2_auth_comp_id 
_struct_conn.ptnr2_auth_seq_id 
_struct_conn.ptnr2_symmetry 
_struct_conn.pdbx_ptnr3_label_atom_id 
_struct_conn.pdbx_ptnr3_label_seq_id 
_struct_conn.pdbx_ptnr3_label_comp_id 
_struct_conn.pdbx_ptnr3_label_asym_id 
_struct_conn.pdbx_ptnr3_label_alt_id 
_struct_conn.pdbx_ptnr3_PDB_ins_code 
_struct_conn.details 
_struct_conn.pdbx_dist_value 
_struct_conn.pdbx_value_order 
_struct_conn.pdbx_role 
covale1  covale both ? A BRU 1 "O3'" ? ? ? 1_555 A DG  2 P  ? ? A BRU 1  A DG  2  1_555 ? ? ? ? ? ? ?            1.601 ? ? 
covale2  covale both ? B BRU 1 "O3'" ? ? ? 1_555 B DG  2 P  ? ? B BRU 7  B DG  8  1_555 ? ? ? ? ? ? ?            1.602 ? ? 
metalc1  metalc ?    ? C MG  . MG    ? ? ? 1_555 E HOH . O  ? ? B MG  13 B HOH 66 1_555 ? ? ? ? ? ? ?            2.048 ? ? 
hydrog1  hydrog ?    ? A BRU 1 N3    ? ? ? 1_555 B DG  6 O6 ? ? A BRU 1  B DG  12 1_555 ? ? ? ? ? ? TYPE_28_PAIR ?     ? ? 
hydrog2  hydrog ?    ? A BRU 1 O2    ? ? ? 1_555 B DG  6 N1 ? ? A BRU 1  B DG  12 1_555 ? ? ? ? ? ? TYPE_28_PAIR ?     ? ? 
hydrog3  hydrog ?    ? A DG  2 N1    ? ? ? 1_555 B DC  5 N3 ? ? A DG  2  B DC  11 1_555 ? ? ? ? ? ? WATSON-CRICK ?     ? ? 
hydrog4  hydrog ?    ? A DG  2 N2    ? ? ? 1_555 B DC  5 O2 ? ? A DG  2  B DC  11 1_555 ? ? ? ? ? ? WATSON-CRICK ?     ? ? 
hydrog5  hydrog ?    ? A DG  2 O6    ? ? ? 1_555 B DC  5 N4 ? ? A DG  2  B DC  11 1_555 ? ? ? ? ? ? WATSON-CRICK ?     ? ? 
hydrog6  hydrog ?    ? A DC  3 N3    ? ? ? 1_555 B DG  4 N1 ? ? A DC  3  B DG  10 1_555 ? ? ? ? ? ? WATSON-CRICK ?     ? ? 
hydrog7  hydrog ?    ? A DC  3 N4    ? ? ? 1_555 B DG  4 O6 ? ? A DC  3  B DG  10 1_555 ? ? ? ? ? ? WATSON-CRICK ?     ? ? 
hydrog8  hydrog ?    ? A DC  3 O2    ? ? ? 1_555 B DG  4 N2 ? ? A DC  3  B DG  10 1_555 ? ? ? ? ? ? WATSON-CRICK ?     ? ? 
hydrog9  hydrog ?    ? A DG  4 N1    ? ? ? 1_555 B DC  3 N3 ? ? A DG  4  B DC  9  1_555 ? ? ? ? ? ? WATSON-CRICK ?     ? ? 
hydrog10 hydrog ?    ? A DG  4 N2    ? ? ? 1_555 B DC  3 O2 ? ? A DG  4  B DC  9  1_555 ? ? ? ? ? ? WATSON-CRICK ?     ? ? 
hydrog11 hydrog ?    ? A DG  4 O6    ? ? ? 1_555 B DC  3 N4 ? ? A DG  4  B DC  9  1_555 ? ? ? ? ? ? WATSON-CRICK ?     ? ? 
hydrog12 hydrog ?    ? A DC  5 N3    ? ? ? 1_555 B DG  2 N1 ? ? A DC  5  B DG  8  1_555 ? ? ? ? ? ? WATSON-CRICK ?     ? ? 
hydrog13 hydrog ?    ? A DC  5 N4    ? ? ? 1_555 B DG  2 O6 ? ? A DC  5  B DG  8  1_555 ? ? ? ? ? ? WATSON-CRICK ?     ? ? 
hydrog14 hydrog ?    ? A DC  5 O2    ? ? ? 1_555 B DG  2 N2 ? ? A DC  5  B DG  8  1_555 ? ? ? ? ? ? WATSON-CRICK ?     ? ? 
hydrog15 hydrog ?    ? A DG  6 N1    ? ? ? 1_555 B BRU 1 O2 ? ? A DG  6  B BRU 7  1_555 ? ? ? ? ? ? TYPE_28_PAIR ?     ? ? 
hydrog16 hydrog ?    ? A DG  6 O6    ? ? ? 1_555 B BRU 1 N3 ? ? A DG  6  B BRU 7  1_555 ? ? ? ? ? ? TYPE_28_PAIR ?     ? ? 
# 
loop_
_struct_conn_type.id 
_struct_conn_type.criteria 
_struct_conn_type.reference 
covale ? ? 
metalc ? ? 
hydrog ? ? 
# 
_struct_site.id                   AC1 
_struct_site.pdbx_evidence_code   Software 
_struct_site.pdbx_auth_asym_id    B 
_struct_site.pdbx_auth_comp_id    MG 
_struct_site.pdbx_auth_seq_id     13 
_struct_site.pdbx_auth_ins_code   ? 
_struct_site.pdbx_num_residues    2 
_struct_site.details              'BINDING SITE FOR RESIDUE MG B 13' 
# 
loop_
_struct_site_gen.id 
_struct_site_gen.site_id 
_struct_site_gen.pdbx_num_res 
_struct_site_gen.label_comp_id 
_struct_site_gen.label_asym_id 
_struct_site_gen.label_seq_id 
_struct_site_gen.pdbx_auth_ins_code 
_struct_site_gen.auth_comp_id 
_struct_site_gen.auth_asym_id 
_struct_site_gen.auth_seq_id 
_struct_site_gen.label_atom_id 
_struct_site_gen.label_alt_id 
_struct_site_gen.symmetry 
_struct_site_gen.details 
1 AC1 2 DG  B 6 ? DG  B 12 . ? 1_555 ? 
2 AC1 2 HOH E . ? HOH B 66 . ? 1_555 ? 
# 
_pdbx_validate_close_contact.id               1 
_pdbx_validate_close_contact.PDB_model_num    1 
_pdbx_validate_close_contact.auth_atom_id_1   O 
_pdbx_validate_close_contact.auth_asym_id_1   B 
_pdbx_validate_close_contact.auth_comp_id_1   HOH 
_pdbx_validate_close_contact.auth_seq_id_1    29 
_pdbx_validate_close_contact.PDB_ins_code_1   ? 
_pdbx_validate_close_contact.label_alt_id_1   ? 
_pdbx_validate_close_contact.auth_atom_id_2   O 
_pdbx_validate_close_contact.auth_asym_id_2   B 
_pdbx_validate_close_contact.auth_comp_id_2   HOH 
_pdbx_validate_close_contact.auth_seq_id_2    60 
_pdbx_validate_close_contact.PDB_ins_code_2   ? 
_pdbx_validate_close_contact.label_alt_id_2   ? 
_pdbx_validate_close_contact.dist             2.08 
# 
_pdbx_validate_symm_contact.id                1 
_pdbx_validate_symm_contact.PDB_model_num     1 
_pdbx_validate_symm_contact.auth_atom_id_1    "O5'" 
_pdbx_validate_symm_contact.auth_asym_id_1    B 
_pdbx_validate_symm_contact.auth_comp_id_1    BRU 
_pdbx_validate_symm_contact.auth_seq_id_1     7 
_pdbx_validate_symm_contact.PDB_ins_code_1    ? 
_pdbx_validate_symm_contact.label_alt_id_1    ? 
_pdbx_validate_symm_contact.site_symmetry_1   1_555 
_pdbx_validate_symm_contact.auth_atom_id_2    O 
_pdbx_validate_symm_contact.auth_asym_id_2    B 
_pdbx_validate_symm_contact.auth_comp_id_2    HOH 
_pdbx_validate_symm_contact.auth_seq_id_2     61 
_pdbx_validate_symm_contact.PDB_ins_code_2    ? 
_pdbx_validate_symm_contact.label_alt_id_2    ? 
_pdbx_validate_symm_contact.site_symmetry_2   2_555 
_pdbx_validate_symm_contact.dist              2.16 
# 
loop_
_pdbx_validate_rmsd_bond.id 
_pdbx_validate_rmsd_bond.PDB_model_num 
_pdbx_validate_rmsd_bond.auth_atom_id_1 
_pdbx_validate_rmsd_bond.auth_asym_id_1 
_pdbx_validate_rmsd_bond.auth_comp_id_1 
_pdbx_validate_rmsd_bond.auth_seq_id_1 
_pdbx_validate_rmsd_bond.PDB_ins_code_1 
_pdbx_validate_rmsd_bond.label_alt_id_1 
_pdbx_validate_rmsd_bond.auth_atom_id_2 
_pdbx_validate_rmsd_bond.auth_asym_id_2 
_pdbx_validate_rmsd_bond.auth_comp_id_2 
_pdbx_validate_rmsd_bond.auth_seq_id_2 
_pdbx_validate_rmsd_bond.PDB_ins_code_2 
_pdbx_validate_rmsd_bond.label_alt_id_2 
_pdbx_validate_rmsd_bond.bond_value 
_pdbx_validate_rmsd_bond.bond_target_value 
_pdbx_validate_rmsd_bond.bond_deviation 
_pdbx_validate_rmsd_bond.bond_standard_deviation 
_pdbx_validate_rmsd_bond.linker_flag 
1  1 P     A DG 2  ? ? OP1   A DG 2  ? ? 1.593 1.485 0.108 0.017 N 
2  1 P     A DG 2  ? ? "O5'" A DG 2  ? ? 1.737 1.593 0.144 0.010 N 
3  1 "O5'" A DG 2  ? ? "C5'" A DG 2  ? ? 1.574 1.440 0.134 0.016 N 
4  1 "C5'" A DG 2  ? ? "C4'" A DG 2  ? ? 1.607 1.512 0.095 0.007 N 
5  1 "C4'" A DG 2  ? ? "C3'" A DG 2  ? ? 1.661 1.529 0.132 0.010 N 
6  1 "C2'" A DG 2  ? ? "C1'" A DG 2  ? ? 1.596 1.519 0.077 0.010 N 
7  1 "O4'" A DG 2  ? ? "C1'" A DG 2  ? ? 1.555 1.420 0.135 0.011 N 
8  1 P     A DC 3  ? ? "O5'" A DC 3  ? ? 1.753 1.593 0.160 0.010 N 
9  1 "C4'" A DC 3  ? ? "C3'" A DC 3  ? ? 1.593 1.529 0.064 0.010 N 
10 1 "C2'" A DC 3  ? ? "C1'" A DC 3  ? ? 1.647 1.519 0.128 0.010 N 
11 1 P     A DG 4  ? ? "O5'" A DG 4  ? ? 1.728 1.593 0.135 0.010 N 
12 1 "C5'" A DG 4  ? ? "C4'" A DG 4  ? ? 1.608 1.512 0.096 0.007 N 
13 1 "C4'" A DG 4  ? ? "C3'" A DG 4  ? ? 1.649 1.529 0.120 0.010 N 
14 1 "C2'" A DG 4  ? ? "C1'" A DG 4  ? ? 1.602 1.519 0.083 0.010 N 
15 1 "O4'" A DG 4  ? ? "C1'" A DG 4  ? ? 1.550 1.420 0.130 0.011 N 
16 1 P     A DC 5  ? ? "O5'" A DC 5  ? ? 1.663 1.593 0.070 0.010 N 
17 1 "C4'" A DC 5  ? ? "C3'" A DC 5  ? ? 1.643 1.529 0.114 0.010 N 
18 1 "C2'" A DC 5  ? ? "C1'" A DC 5  ? ? 1.642 1.519 0.123 0.010 N 
19 1 "O4'" A DC 5  ? ? "C1'" A DC 5  ? ? 1.522 1.420 0.102 0.011 N 
20 1 P     A DG 6  ? ? OP1   A DG 6  ? ? 1.602 1.485 0.117 0.017 N 
21 1 P     A DG 6  ? ? "O5'" A DG 6  ? ? 1.698 1.593 0.105 0.010 N 
22 1 "O5'" A DG 6  ? ? "C5'" A DG 6  ? ? 1.579 1.440 0.139 0.016 N 
23 1 "C4'" A DG 6  ? ? "C3'" A DG 6  ? ? 1.676 1.529 0.147 0.010 N 
24 1 "O4'" A DG 6  ? ? "C1'" A DG 6  ? ? 1.564 1.420 0.144 0.011 N 
25 1 P     B DG 8  ? ? OP1   B DG 8  ? ? 1.593 1.485 0.108 0.017 N 
26 1 P     B DG 8  ? ? "O5'" B DG 8  ? ? 1.712 1.593 0.119 0.010 N 
27 1 "O5'" B DG 8  ? ? "C5'" B DG 8  ? ? 1.546 1.440 0.106 0.016 N 
28 1 "C5'" B DG 8  ? ? "C4'" B DG 8  ? ? 1.584 1.512 0.072 0.007 N 
29 1 "C4'" B DG 8  ? ? "C3'" B DG 8  ? ? 1.669 1.529 0.140 0.010 N 
30 1 "C2'" B DG 8  ? ? "C1'" B DG 8  ? ? 1.605 1.519 0.086 0.010 N 
31 1 "O4'" B DG 8  ? ? "C1'" B DG 8  ? ? 1.564 1.420 0.144 0.011 N 
32 1 P     B DC 9  ? ? "O5'" B DC 9  ? ? 1.748 1.593 0.155 0.010 N 
33 1 "C4'" B DC 9  ? ? "C3'" B DC 9  ? ? 1.615 1.529 0.086 0.010 N 
34 1 "C2'" B DC 9  ? ? "C1'" B DC 9  ? ? 1.656 1.519 0.137 0.010 N 
35 1 "O4'" B DC 9  ? ? "C1'" B DC 9  ? ? 1.490 1.420 0.070 0.011 N 
36 1 P     B DG 10 ? ? OP1   B DG 10 ? ? 1.598 1.485 0.113 0.017 N 
37 1 P     B DG 10 ? ? "O5'" B DG 10 ? ? 1.699 1.593 0.106 0.010 N 
38 1 "O5'" B DG 10 ? ? "C5'" B DG 10 ? ? 1.592 1.440 0.152 0.016 N 
39 1 "C4'" B DG 10 ? ? "C3'" B DG 10 ? ? 1.682 1.529 0.153 0.010 N 
40 1 "C2'" B DG 10 ? ? "C1'" B DG 10 ? ? 1.637 1.519 0.118 0.010 N 
41 1 "O4'" B DG 10 ? ? "C1'" B DG 10 ? ? 1.520 1.420 0.100 0.011 N 
42 1 "O3'" B DG 10 ? ? P     B DC 11 ? ? 1.741 1.607 0.134 0.012 Y 
43 1 "O5'" B DC 11 ? ? "C5'" B DC 11 ? ? 1.555 1.440 0.115 0.016 N 
44 1 "C4'" B DC 11 ? ? "C3'" B DC 11 ? ? 1.641 1.529 0.112 0.010 N 
45 1 "C2'" B DC 11 ? ? "C1'" B DC 11 ? ? 1.638 1.519 0.119 0.010 N 
46 1 "O4'" B DC 11 ? ? "C1'" B DC 11 ? ? 1.517 1.420 0.097 0.011 N 
47 1 P     B DG 12 ? ? "O5'" B DG 12 ? ? 1.726 1.593 0.133 0.010 N 
48 1 "O5'" B DG 12 ? ? "C5'" B DG 12 ? ? 1.572 1.440 0.132 0.016 N 
49 1 "C5'" B DG 12 ? ? "C4'" B DG 12 ? ? 1.599 1.512 0.087 0.007 N 
50 1 "C4'" B DG 12 ? ? "C3'" B DG 12 ? ? 1.663 1.529 0.134 0.010 N 
51 1 "O4'" B DG 12 ? ? "C1'" B DG 12 ? ? 1.544 1.420 0.124 0.011 N 
# 
loop_
_pdbx_validate_rmsd_angle.id 
_pdbx_validate_rmsd_angle.PDB_model_num 
_pdbx_validate_rmsd_angle.auth_atom_id_1 
_pdbx_validate_rmsd_angle.auth_asym_id_1 
_pdbx_validate_rmsd_angle.auth_comp_id_1 
_pdbx_validate_rmsd_angle.auth_seq_id_1 
_pdbx_validate_rmsd_angle.PDB_ins_code_1 
_pdbx_validate_rmsd_angle.label_alt_id_1 
_pdbx_validate_rmsd_angle.auth_atom_id_2 
_pdbx_validate_rmsd_angle.auth_asym_id_2 
_pdbx_validate_rmsd_angle.auth_comp_id_2 
_pdbx_validate_rmsd_angle.auth_seq_id_2 
_pdbx_validate_rmsd_angle.PDB_ins_code_2 
_pdbx_validate_rmsd_angle.label_alt_id_2 
_pdbx_validate_rmsd_angle.auth_atom_id_3 
_pdbx_validate_rmsd_angle.auth_asym_id_3 
_pdbx_validate_rmsd_angle.auth_comp_id_3 
_pdbx_validate_rmsd_angle.auth_seq_id_3 
_pdbx_validate_rmsd_angle.PDB_ins_code_3 
_pdbx_validate_rmsd_angle.label_alt_id_3 
_pdbx_validate_rmsd_angle.angle_value 
_pdbx_validate_rmsd_angle.angle_target_value 
_pdbx_validate_rmsd_angle.angle_deviation 
_pdbx_validate_rmsd_angle.angle_standard_deviation 
_pdbx_validate_rmsd_angle.linker_flag 
1  1 "C4'" A DG 2  ? ? "C3'" A DG 2  ? ? "C2'" A DG 2  ? ? 109.00 103.10 5.90  0.90 N 
2  1 "C3'" A DG 2  ? ? "C2'" A DG 2  ? ? "C1'" A DG 2  ? ? 96.85  102.40 -5.55 0.80 N 
3  1 "O4'" A DG 2  ? ? "C1'" A DG 2  ? ? "C2'" A DG 2  ? ? 113.95 106.80 7.15  0.50 N 
4  1 "O4'" A DG 2  ? ? "C1'" A DG 2  ? ? N9    A DG 2  ? ? 110.18 108.30 1.88  0.30 N 
5  1 "O4'" A DC 3  ? ? "C4'" A DC 3  ? ? "C3'" A DC 3  ? ? 109.75 106.00 3.75  0.60 N 
6  1 "C5'" A DC 3  ? ? "C4'" A DC 3  ? ? "O4'" A DC 3  ? ? 118.88 109.80 9.08  1.10 N 
7  1 "O4'" A DC 3  ? ? "C1'" A DC 3  ? ? "C2'" A DC 3  ? ? 110.18 106.80 3.38  0.50 N 
8  1 "O4'" A DC 3  ? ? "C1'" A DC 3  ? ? N1    A DC 3  ? ? 117.76 108.30 9.46  0.30 N 
9  1 "O4'" A DG 4  ? ? "C4'" A DG 4  ? ? "C3'" A DG 4  ? ? 110.50 106.00 4.50  0.60 N 
10 1 "C5'" A DG 4  ? ? "C4'" A DG 4  ? ? "C3'" A DG 4  ? ? 129.66 115.70 13.96 1.20 N 
11 1 "O4'" A DG 4  ? ? "C1'" A DG 4  ? ? "C2'" A DG 4  ? ? 113.39 106.80 6.59  0.50 N 
12 1 "C3'" A DG 4  ? ? "O3'" A DG 4  ? ? P     A DC 5  ? ? 135.74 119.70 16.04 1.20 Y 
13 1 "O4'" A DC 5  ? ? "C1'" A DC 5  ? ? "C2'" A DC 5  ? ? 110.74 106.80 3.94  0.50 N 
14 1 "O4'" A DC 5  ? ? "C1'" A DC 5  ? ? N1    A DC 5  ? ? 111.30 108.30 3.00  0.30 N 
15 1 "C3'" A DG 6  ? ? "C2'" A DG 6  ? ? "C1'" A DG 6  ? ? 96.71  102.40 -5.69 0.80 N 
16 1 "O4'" A DG 6  ? ? "C1'" A DG 6  ? ? "C2'" A DG 6  ? ? 113.56 106.80 6.76  0.50 N 
17 1 "O4'" A DG 6  ? ? "C1'" A DG 6  ? ? N9    A DG 6  ? ? 111.51 108.30 3.21  0.30 N 
18 1 "C4'" B DG 8  ? ? "C3'" B DG 8  ? ? "C2'" B DG 8  ? ? 109.60 103.10 6.50  0.90 N 
19 1 "C3'" B DG 8  ? ? "C2'" B DG 8  ? ? "C1'" B DG 8  ? ? 97.35  102.40 -5.05 0.80 N 
20 1 "O4'" B DG 8  ? ? "C1'" B DG 8  ? ? "C2'" B DG 8  ? ? 114.33 106.80 7.53  0.50 N 
21 1 "O5'" B DC 9  ? ? P     B DC 9  ? ? OP2   B DC 9  ? ? 118.37 110.70 7.67  1.20 N 
22 1 "C3'" B DC 9  ? ? "C2'" B DC 9  ? ? "C1'" B DC 9  ? ? 96.56  102.40 -5.84 0.80 N 
23 1 "O4'" B DC 9  ? ? "C1'" B DC 9  ? ? N1    B DC 9  ? ? 113.98 108.30 5.68  0.30 N 
24 1 "O4'" B DG 10 ? ? "C4'" B DG 10 ? ? "C3'" B DG 10 ? ? 110.10 106.00 4.10  0.60 N 
25 1 "O4'" B DG 10 ? ? "C1'" B DG 10 ? ? "C2'" B DG 10 ? ? 114.30 106.80 7.50  0.50 N 
26 1 OP1   B DC 11 ? ? P     B DC 11 ? ? OP2   B DC 11 ? ? 110.38 119.60 -9.22 1.50 N 
27 1 "O4'" B DC 11 ? ? "C1'" B DC 11 ? ? "C2'" B DC 11 ? ? 111.35 106.80 4.55  0.50 N 
28 1 "O4'" B DC 11 ? ? "C1'" B DC 11 ? ? N1    B DC 11 ? ? 114.04 108.30 5.74  0.30 N 
29 1 "O4'" B DG 12 ? ? "C1'" B DG 12 ? ? "C2'" B DG 12 ? ? 111.51 106.80 4.71  0.50 N 
30 1 "O4'" B DG 12 ? ? "C1'" B DG 12 ? ? N9    B DG 12 ? ? 112.52 108.30 4.22  0.30 N 
# 
loop_
_pdbx_struct_mod_residue.id 
_pdbx_struct_mod_residue.label_asym_id 
_pdbx_struct_mod_residue.label_comp_id 
_pdbx_struct_mod_residue.label_seq_id 
_pdbx_struct_mod_residue.auth_asym_id 
_pdbx_struct_mod_residue.auth_comp_id 
_pdbx_struct_mod_residue.auth_seq_id 
_pdbx_struct_mod_residue.PDB_ins_code 
_pdbx_struct_mod_residue.parent_comp_id 
_pdbx_struct_mod_residue.details 
1 A BRU 1 A BRU 1 ? DU ? 
2 B BRU 1 B BRU 7 ? DU ? 
# 
loop_
_refine_B_iso.class 
_refine_B_iso.details 
_refine_B_iso.treatment 
_refine_B_iso.pdbx_refine_id 
'ALL ATOMS'  TR isotropic 'X-RAY DIFFRACTION' 
'ALL WATERS' TR isotropic 'X-RAY DIFFRACTION' 
# 
loop_
_refine_occupancy.class 
_refine_occupancy.treatment 
_refine_occupancy.pdbx_refine_id 
'ALL ATOMS'  fix 'X-RAY DIFFRACTION' 
'ALL WATERS' fix 'X-RAY DIFFRACTION' 
# 
loop_
_chem_comp_atom.comp_id 
_chem_comp_atom.atom_id 
_chem_comp_atom.type_symbol 
_chem_comp_atom.pdbx_aromatic_flag 
_chem_comp_atom.pdbx_stereo_config 
_chem_comp_atom.pdbx_ordinal 
BRU N1     N  N N 1   
BRU C2     C  N N 2   
BRU N3     N  N N 3   
BRU C4     C  N N 4   
BRU C5     C  N N 5   
BRU C6     C  N N 6   
BRU O2     O  N N 7   
BRU O4     O  N N 8   
BRU BR     BR N N 9   
BRU "C1'"  C  N R 10  
BRU "C2'"  C  N N 11  
BRU "C3'"  C  N S 12  
BRU "C4'"  C  N R 13  
BRU "O3'"  O  N N 14  
BRU "O4'"  O  N N 15  
BRU "C5'"  C  N N 16  
BRU "O5'"  O  N N 17  
BRU P      P  N N 18  
BRU OP1    O  N N 19  
BRU OP2    O  N N 20  
BRU OP3    O  N N 21  
BRU HN3    H  N N 22  
BRU H6     H  N N 23  
BRU "H1'"  H  N N 24  
BRU "H2'"  H  N N 25  
BRU "H2''" H  N N 26  
BRU "H3'"  H  N N 27  
BRU "H4'"  H  N N 28  
BRU "HO3'" H  N N 29  
BRU "H5'"  H  N N 30  
BRU "H5''" H  N N 31  
BRU HOP2   H  N N 32  
BRU HOP3   H  N N 33  
DC  OP3    O  N N 34  
DC  P      P  N N 35  
DC  OP1    O  N N 36  
DC  OP2    O  N N 37  
DC  "O5'"  O  N N 38  
DC  "C5'"  C  N N 39  
DC  "C4'"  C  N R 40  
DC  "O4'"  O  N N 41  
DC  "C3'"  C  N S 42  
DC  "O3'"  O  N N 43  
DC  "C2'"  C  N N 44  
DC  "C1'"  C  N R 45  
DC  N1     N  N N 46  
DC  C2     C  N N 47  
DC  O2     O  N N 48  
DC  N3     N  N N 49  
DC  C4     C  N N 50  
DC  N4     N  N N 51  
DC  C5     C  N N 52  
DC  C6     C  N N 53  
DC  HOP3   H  N N 54  
DC  HOP2   H  N N 55  
DC  "H5'"  H  N N 56  
DC  "H5''" H  N N 57  
DC  "H4'"  H  N N 58  
DC  "H3'"  H  N N 59  
DC  "HO3'" H  N N 60  
DC  "H2'"  H  N N 61  
DC  "H2''" H  N N 62  
DC  "H1'"  H  N N 63  
DC  H41    H  N N 64  
DC  H42    H  N N 65  
DC  H5     H  N N 66  
DC  H6     H  N N 67  
DG  OP3    O  N N 68  
DG  P      P  N N 69  
DG  OP1    O  N N 70  
DG  OP2    O  N N 71  
DG  "O5'"  O  N N 72  
DG  "C5'"  C  N N 73  
DG  "C4'"  C  N R 74  
DG  "O4'"  O  N N 75  
DG  "C3'"  C  N S 76  
DG  "O3'"  O  N N 77  
DG  "C2'"  C  N N 78  
DG  "C1'"  C  N R 79  
DG  N9     N  Y N 80  
DG  C8     C  Y N 81  
DG  N7     N  Y N 82  
DG  C5     C  Y N 83  
DG  C6     C  N N 84  
DG  O6     O  N N 85  
DG  N1     N  N N 86  
DG  C2     C  N N 87  
DG  N2     N  N N 88  
DG  N3     N  N N 89  
DG  C4     C  Y N 90  
DG  HOP3   H  N N 91  
DG  HOP2   H  N N 92  
DG  "H5'"  H  N N 93  
DG  "H5''" H  N N 94  
DG  "H4'"  H  N N 95  
DG  "H3'"  H  N N 96  
DG  "HO3'" H  N N 97  
DG  "H2'"  H  N N 98  
DG  "H2''" H  N N 99  
DG  "H1'"  H  N N 100 
DG  H8     H  N N 101 
DG  H1     H  N N 102 
DG  H21    H  N N 103 
DG  H22    H  N N 104 
HOH O      O  N N 105 
HOH H1     H  N N 106 
HOH H2     H  N N 107 
MG  MG     MG N N 108 
# 
loop_
_chem_comp_bond.comp_id 
_chem_comp_bond.atom_id_1 
_chem_comp_bond.atom_id_2 
_chem_comp_bond.value_order 
_chem_comp_bond.pdbx_aromatic_flag 
_chem_comp_bond.pdbx_stereo_config 
_chem_comp_bond.pdbx_ordinal 
BRU N1    C2     sing N N 1   
BRU N1    C6     sing N N 2   
BRU N1    "C1'"  sing N N 3   
BRU C2    N3     sing N N 4   
BRU C2    O2     doub N N 5   
BRU N3    C4     sing N N 6   
BRU N3    HN3    sing N N 7   
BRU C4    C5     sing N N 8   
BRU C4    O4     doub N N 9   
BRU C5    C6     doub N N 10  
BRU C5    BR     sing N N 11  
BRU C6    H6     sing N N 12  
BRU "C1'" "C2'"  sing N N 13  
BRU "C1'" "O4'"  sing N N 14  
BRU "C1'" "H1'"  sing N N 15  
BRU "C2'" "C3'"  sing N N 16  
BRU "C2'" "H2'"  sing N N 17  
BRU "C2'" "H2''" sing N N 18  
BRU "C3'" "C4'"  sing N N 19  
BRU "C3'" "O3'"  sing N N 20  
BRU "C3'" "H3'"  sing N N 21  
BRU "C4'" "O4'"  sing N N 22  
BRU "C4'" "C5'"  sing N N 23  
BRU "C4'" "H4'"  sing N N 24  
BRU "O3'" "HO3'" sing N N 25  
BRU "C5'" "O5'"  sing N N 26  
BRU "C5'" "H5'"  sing N N 27  
BRU "C5'" "H5''" sing N N 28  
BRU "O5'" P      sing N N 29  
BRU P     OP1    doub N N 30  
BRU P     OP2    sing N N 31  
BRU P     OP3    sing N N 32  
BRU OP2   HOP2   sing N N 33  
BRU OP3   HOP3   sing N N 34  
DC  OP3   P      sing N N 35  
DC  OP3   HOP3   sing N N 36  
DC  P     OP1    doub N N 37  
DC  P     OP2    sing N N 38  
DC  P     "O5'"  sing N N 39  
DC  OP2   HOP2   sing N N 40  
DC  "O5'" "C5'"  sing N N 41  
DC  "C5'" "C4'"  sing N N 42  
DC  "C5'" "H5'"  sing N N 43  
DC  "C5'" "H5''" sing N N 44  
DC  "C4'" "O4'"  sing N N 45  
DC  "C4'" "C3'"  sing N N 46  
DC  "C4'" "H4'"  sing N N 47  
DC  "O4'" "C1'"  sing N N 48  
DC  "C3'" "O3'"  sing N N 49  
DC  "C3'" "C2'"  sing N N 50  
DC  "C3'" "H3'"  sing N N 51  
DC  "O3'" "HO3'" sing N N 52  
DC  "C2'" "C1'"  sing N N 53  
DC  "C2'" "H2'"  sing N N 54  
DC  "C2'" "H2''" sing N N 55  
DC  "C1'" N1     sing N N 56  
DC  "C1'" "H1'"  sing N N 57  
DC  N1    C2     sing N N 58  
DC  N1    C6     sing N N 59  
DC  C2    O2     doub N N 60  
DC  C2    N3     sing N N 61  
DC  N3    C4     doub N N 62  
DC  C4    N4     sing N N 63  
DC  C4    C5     sing N N 64  
DC  N4    H41    sing N N 65  
DC  N4    H42    sing N N 66  
DC  C5    C6     doub N N 67  
DC  C5    H5     sing N N 68  
DC  C6    H6     sing N N 69  
DG  OP3   P      sing N N 70  
DG  OP3   HOP3   sing N N 71  
DG  P     OP1    doub N N 72  
DG  P     OP2    sing N N 73  
DG  P     "O5'"  sing N N 74  
DG  OP2   HOP2   sing N N 75  
DG  "O5'" "C5'"  sing N N 76  
DG  "C5'" "C4'"  sing N N 77  
DG  "C5'" "H5'"  sing N N 78  
DG  "C5'" "H5''" sing N N 79  
DG  "C4'" "O4'"  sing N N 80  
DG  "C4'" "C3'"  sing N N 81  
DG  "C4'" "H4'"  sing N N 82  
DG  "O4'" "C1'"  sing N N 83  
DG  "C3'" "O3'"  sing N N 84  
DG  "C3'" "C2'"  sing N N 85  
DG  "C3'" "H3'"  sing N N 86  
DG  "O3'" "HO3'" sing N N 87  
DG  "C2'" "C1'"  sing N N 88  
DG  "C2'" "H2'"  sing N N 89  
DG  "C2'" "H2''" sing N N 90  
DG  "C1'" N9     sing N N 91  
DG  "C1'" "H1'"  sing N N 92  
DG  N9    C8     sing Y N 93  
DG  N9    C4     sing Y N 94  
DG  C8    N7     doub Y N 95  
DG  C8    H8     sing N N 96  
DG  N7    C5     sing Y N 97  
DG  C5    C6     sing N N 98  
DG  C5    C4     doub Y N 99  
DG  C6    O6     doub N N 100 
DG  C6    N1     sing N N 101 
DG  N1    C2     sing N N 102 
DG  N1    H1     sing N N 103 
DG  C2    N2     sing N N 104 
DG  C2    N3     doub N N 105 
DG  N2    H21    sing N N 106 
DG  N2    H22    sing N N 107 
DG  N3    C4     sing N N 108 
HOH O     H1     sing N N 109 
HOH O     H2     sing N N 110 
# 
loop_
_ndb_struct_conf_na.entry_id 
_ndb_struct_conf_na.feature 
1DA1 'z-form double helix'  
1DA1 'mismatched base pair' 
# 
loop_
_ndb_struct_na_base_pair.model_number 
_ndb_struct_na_base_pair.i_label_asym_id 
_ndb_struct_na_base_pair.i_label_comp_id 
_ndb_struct_na_base_pair.i_label_seq_id 
_ndb_struct_na_base_pair.i_symmetry 
_ndb_struct_na_base_pair.j_label_asym_id 
_ndb_struct_na_base_pair.j_label_comp_id 
_ndb_struct_na_base_pair.j_label_seq_id 
_ndb_struct_na_base_pair.j_symmetry 
_ndb_struct_na_base_pair.shear 
_ndb_struct_na_base_pair.stretch 
_ndb_struct_na_base_pair.stagger 
_ndb_struct_na_base_pair.buckle 
_ndb_struct_na_base_pair.propeller 
_ndb_struct_na_base_pair.opening 
_ndb_struct_na_base_pair.pair_number 
_ndb_struct_na_base_pair.pair_name 
_ndb_struct_na_base_pair.i_auth_asym_id 
_ndb_struct_na_base_pair.i_auth_seq_id 
_ndb_struct_na_base_pair.i_PDB_ins_code 
_ndb_struct_na_base_pair.j_auth_asym_id 
_ndb_struct_na_base_pair.j_auth_seq_id 
_ndb_struct_na_base_pair.j_PDB_ins_code 
_ndb_struct_na_base_pair.hbond_type_28 
_ndb_struct_na_base_pair.hbond_type_12 
1 A BRU 1 1_555 B DG  6 1_555 -1.885 -0.436 0.063  -4.092 7.428  1.352  1 A_BRU1:DG12_B A 1 ? B 12 ? 28 1 
1 A DG  2 1_555 B DC  5 1_555 0.316  -0.283 0.122  -2.541 4.479  4.026  2 A_DG2:DC11_B  A 2 ? B 11 ? 19 1 
1 A DC  3 1_555 B DG  4 1_555 -0.638 -0.285 0.123  8.941  2.370  5.471  3 A_DC3:DG10_B  A 3 ? B 10 ? 19 1 
1 A DG  4 1_555 B DC  3 1_555 0.175  -0.092 0.116  -0.946 -7.799 -0.488 4 A_DG4:DC9_B   A 4 ? B 9  ? 19 1 
1 A DC  5 1_555 B DG  2 1_555 -0.611 -0.184 0.654  -1.748 -1.185 -0.784 5 A_DC5:DG8_B   A 5 ? B 8  ? 19 1 
1 A DG  6 1_555 B BRU 1 1_555 2.091  -0.540 -0.392 -8.481 11.331 5.320  6 A_DG6:BRU7_B  A 6 ? B 7  ? 28 ? 
# 
loop_
_ndb_struct_na_base_pair_step.model_number 
_ndb_struct_na_base_pair_step.i_label_asym_id_1 
_ndb_struct_na_base_pair_step.i_label_comp_id_1 
_ndb_struct_na_base_pair_step.i_label_seq_id_1 
_ndb_struct_na_base_pair_step.i_symmetry_1 
_ndb_struct_na_base_pair_step.j_label_asym_id_1 
_ndb_struct_na_base_pair_step.j_label_comp_id_1 
_ndb_struct_na_base_pair_step.j_label_seq_id_1 
_ndb_struct_na_base_pair_step.j_symmetry_1 
_ndb_struct_na_base_pair_step.i_label_asym_id_2 
_ndb_struct_na_base_pair_step.i_label_comp_id_2 
_ndb_struct_na_base_pair_step.i_label_seq_id_2 
_ndb_struct_na_base_pair_step.i_symmetry_2 
_ndb_struct_na_base_pair_step.j_label_asym_id_2 
_ndb_struct_na_base_pair_step.j_label_comp_id_2 
_ndb_struct_na_base_pair_step.j_label_seq_id_2 
_ndb_struct_na_base_pair_step.j_symmetry_2 
_ndb_struct_na_base_pair_step.shift 
_ndb_struct_na_base_pair_step.slide 
_ndb_struct_na_base_pair_step.rise 
_ndb_struct_na_base_pair_step.tilt 
_ndb_struct_na_base_pair_step.roll 
_ndb_struct_na_base_pair_step.twist 
_ndb_struct_na_base_pair_step.x_displacement 
_ndb_struct_na_base_pair_step.y_displacement 
_ndb_struct_na_base_pair_step.helical_rise 
_ndb_struct_na_base_pair_step.inclination 
_ndb_struct_na_base_pair_step.tip 
_ndb_struct_na_base_pair_step.helical_twist 
_ndb_struct_na_base_pair_step.step_number 
_ndb_struct_na_base_pair_step.step_name 
_ndb_struct_na_base_pair_step.i_auth_asym_id_1 
_ndb_struct_na_base_pair_step.i_auth_seq_id_1 
_ndb_struct_na_base_pair_step.i_PDB_ins_code_1 
_ndb_struct_na_base_pair_step.j_auth_asym_id_1 
_ndb_struct_na_base_pair_step.j_auth_seq_id_1 
_ndb_struct_na_base_pair_step.j_PDB_ins_code_1 
_ndb_struct_na_base_pair_step.i_auth_asym_id_2 
_ndb_struct_na_base_pair_step.i_auth_seq_id_2 
_ndb_struct_na_base_pair_step.i_PDB_ins_code_2 
_ndb_struct_na_base_pair_step.j_auth_asym_id_2 
_ndb_struct_na_base_pair_step.j_auth_seq_id_2 
_ndb_struct_na_base_pair_step.j_PDB_ins_code_2 
1 A BRU 1 1_555 B DG 6 1_555 A DG 2 1_555 B DC  5 1_555 0.170  4.989  3.908 -4.281 -0.013 -2.311  -58.657 -39.651 2.019 0.180  
-61.647 -4.865  1 AA_BRU1DG2:DC11DG12_BB A 1 ? B 12 ? A 2 ? B 11 ? 
1 A DG  2 1_555 B DC 5 1_555 A DC 3 1_555 B DG  4 1_555 0.004  -0.935 3.566 -1.616 -3.423 -55.650 1.214   -0.097  3.506 3.662  
-1.729  -55.769 2 AA_DG2DC3:DG10DC11_BB  A 2 ? B 11 ? A 3 ? B 10 ? 
1 A DC  3 1_555 B DG 4 1_555 A DG 4 1_555 B DC  3 1_555 -0.192 5.433  4.303 -0.456 -2.352 -5.569  -31.607 -5.648  6.046 22.860 
-4.431  -6.062  3 AA_DC3DG4:DC9DG10_BB   A 3 ? B 10 ? A 4 ? B 9  ? 
1 A DG  4 1_555 B DC 3 1_555 A DC 5 1_555 B DG  2 1_555 0.205  -0.767 4.037 -2.545 0.007  -54.025 0.843   0.032   4.042 -0.008 
-2.800  -54.081 4 AA_DG4DC5:DG8DC9_BB    A 4 ? B 9  ? A 5 ? B 8  ? 
1 A DC  5 1_555 B DG 2 1_555 A DG 6 1_555 B BRU 1 1_555 0.205  4.975  4.164 11.212 -0.404 1.183   26.072  20.123  0.462 -3.028 
-83.945 11.281  5 AA_DC5DG6:BRU7DG8_BB   A 5 ? B 8  ? A 6 ? B 7  ? 
# 
_atom_sites.entry_id                    1DA1 
_atom_sites.fract_transf_matrix[1][1]   0.01385622 
_atom_sites.fract_transf_matrix[1][2]   0.00338475 
_atom_sites.fract_transf_matrix[1][3]   0.05388514 
_atom_sites.fract_transf_matrix[2][1]   0.01455914 
_atom_sites.fract_transf_matrix[2][2]   -0.02889713 
_atom_sites.fract_transf_matrix[2][3]   -0.00192864 
_atom_sites.fract_transf_matrix[3][1]   0.01718076 
_atom_sites.fract_transf_matrix[3][2]   0.00898867 
_atom_sites.fract_transf_matrix[3][3]   -0.00498254 
_atom_sites.fract_transf_vector[1]      0.271568 
_atom_sites.fract_transf_vector[2]      0.007651 
_atom_sites.fract_transf_vector[3]      0.375253 
# 
loop_
_atom_type.symbol 
BR 
C  
MG 
N  
O  
P  
# 
loop_
_atom_site.group_PDB 
_atom_site.id 
_atom_site.type_symbol 
_atom_site.label_atom_id 
_atom_site.label_alt_id 
_atom_site.label_comp_id 
_atom_site.label_asym_id 
_atom_site.label_entity_id 
_atom_site.label_seq_id 
_atom_site.pdbx_PDB_ins_code 
_atom_site.Cartn_x 
_atom_site.Cartn_y 
_atom_site.Cartn_z 
_atom_site.occupancy 
_atom_site.B_iso_or_equiv 
_atom_site.pdbx_formal_charge 
_atom_site.auth_seq_id 
_atom_site.auth_comp_id 
_atom_site.auth_asym_id 
_atom_site.auth_atom_id 
_atom_site.pdbx_PDB_model_num 
HETATM 1   N  N1    . BRU A 1 1 ? -7.792  -4.190  5.807   1.00 7.25  ? 1  BRU A N1    1 
HETATM 2   C  C2    . BRU A 1 1 ? -7.776  -5.229  4.889   1.00 7.52  ? 1  BRU A C2    1 
HETATM 3   N  N3    . BRU A 1 1 ? -7.125  -6.367  5.298   1.00 7.48  ? 1  BRU A N3    1 
HETATM 4   C  C4    . BRU A 1 1 ? -6.499  -6.566  6.519   1.00 7.97  ? 1  BRU A C4    1 
HETATM 5   C  C5    . BRU A 1 1 ? -6.579  -5.453  7.430   1.00 7.63  ? 1  BRU A C5    1 
HETATM 6   C  C6    . BRU A 1 1 ? -7.214  -4.349  7.048   1.00 7.24  ? 1  BRU A C6    1 
HETATM 7   O  O2    . BRU A 1 1 ? -8.265  -5.141  3.780   1.00 7.61  ? 1  BRU A O2    1 
HETATM 8   O  O4    . BRU A 1 1 ? -5.938  -7.632  6.772   1.00 8.85  ? 1  BRU A O4    1 
HETATM 9   BR BR    . BRU A 1 1 ? -5.803  -5.519  9.060   1.00 11.62 ? 1  BRU A BR    1 
HETATM 10  C  "C1'" . BRU A 1 1 ? -8.491  -2.941  5.446   1.00 6.34  ? 1  BRU A "C1'" 1 
HETATM 11  C  "C2'" . BRU A 1 1 ? -10.049 -2.985  6.013   1.00 6.05  ? 1  BRU A "C2'" 1 
HETATM 12  C  "C3'" . BRU A 1 1 ? -10.333 -1.485  6.036   1.00 5.26  ? 1  BRU A "C3'" 1 
HETATM 13  C  "C4'" . BRU A 1 1 ? -8.865  -0.813  6.371   1.00 5.90  ? 1  BRU A "C4'" 1 
HETATM 14  O  "O3'" . BRU A 1 1 ? -10.849 -0.948  4.804   1.00 4.83  ? 1  BRU A "O3'" 1 
HETATM 15  O  "O4'" . BRU A 1 1 ? -7.794  -1.677  5.876   1.00 4.84  ? 1  BRU A "O4'" 1 
HETATM 16  C  "C5'" . BRU A 1 1 ? -8.660  -0.446  7.817   1.00 6.19  ? 1  BRU A "C5'" 1 
HETATM 17  O  "O5'" . BRU A 1 1 ? -8.776  -1.696  8.615   1.00 4.98  ? 1  BRU A "O5'" 1 
ATOM   18  P  P     . DG  A 1 2 ? -11.682 0.420   4.843   1.00 5.25  ? 2  DG  A P     1 
ATOM   19  O  OP1   . DG  A 1 2 ? -12.834 0.231   5.927   1.00 5.22  ? 2  DG  A OP1   1 
ATOM   20  O  OP2   . DG  A 1 2 ? -12.249 0.735   3.514   1.00 5.73  ? 2  DG  A OP2   1 
ATOM   21  O  "O5'" . DG  A 1 2 ? -10.466 1.620   5.157   1.00 4.29  ? 2  DG  A "O5'" 1 
ATOM   22  C  "C5'" . DG  A 1 2 ? -9.389  2.141   4.135   1.00 3.77  ? 2  DG  A "C5'" 1 
ATOM   23  C  "C4'" . DG  A 1 2 ? -8.295  3.193   4.664   1.00 4.51  ? 2  DG  A "C4'" 1 
ATOM   24  O  "O4'" . DG  A 1 2 ? -7.882  2.839   5.994   1.00 3.55  ? 2  DG  A "O4'" 1 
ATOM   25  C  "C3'" . DG  A 1 2 ? -6.911  3.523   3.809   1.00 5.64  ? 2  DG  A "C3'" 1 
ATOM   26  O  "O3'" . DG  A 1 2 ? -7.012  4.677   2.913   1.00 8.21  ? 2  DG  A "O3'" 1 
ATOM   27  C  "C2'" . DG  A 1 2 ? -5.759  3.883   4.817   1.00 4.90  ? 2  DG  A "C2'" 1 
ATOM   28  C  "C1'" . DG  A 1 2 ? -6.349  3.091   6.071   1.00 3.16  ? 2  DG  A "C1'" 1 
ATOM   29  N  N9    . DG  A 1 2 ? -5.650  1.851   6.424   1.00 2.56  ? 2  DG  A N9    1 
ATOM   30  C  C8    . DG  A 1 2 ? -5.059  1.567   7.631   1.00 2.41  ? 2  DG  A C8    1 
ATOM   31  N  N7    . DG  A 1 2 ? -4.497  0.392   7.689   1.00 2.00  ? 2  DG  A N7    1 
ATOM   32  C  C5    . DG  A 1 2 ? -4.733  -0.144  6.432   1.00 2.00  ? 2  DG  A C5    1 
ATOM   33  C  C6    . DG  A 1 2 ? -4.353  -1.398  5.900   1.00 2.00  ? 2  DG  A C6    1 
ATOM   34  O  O6    . DG  A 1 2 ? -3.727  -2.292  6.489   1.00 2.00  ? 2  DG  A O6    1 
ATOM   35  N  N1    . DG  A 1 2 ? -4.784  -1.527  4.584   1.00 2.26  ? 2  DG  A N1    1 
ATOM   36  C  C2    . DG  A 1 2 ? -5.464  -0.586  3.855   1.00 2.00  ? 2  DG  A C2    1 
ATOM   37  N  N2    . DG  A 1 2 ? -5.785  -0.916  2.594   1.00 2.03  ? 2  DG  A N2    1 
ATOM   38  N  N3    . DG  A 1 2 ? -5.832  0.590   4.347   1.00 2.29  ? 2  DG  A N3    1 
ATOM   39  C  C4    . DG  A 1 2 ? -5.435  0.735   5.637   1.00 2.96  ? 2  DG  A C4    1 
ATOM   40  P  P     . DC  A 1 3 ? -7.148  4.618   1.314   1.00 8.37  ? 3  DC  A P     1 
ATOM   41  O  OP1   . DC  A 1 3 ? -7.973  5.798   0.940   1.00 9.27  ? 3  DC  A OP1   1 
ATOM   42  O  OP2   . DC  A 1 3 ? -7.750  3.265   0.911   1.00 9.17  ? 3  DC  A OP2   1 
ATOM   43  O  "O5'" . DC  A 1 3 ? -5.490  4.885   0.812   1.00 7.72  ? 3  DC  A "O5'" 1 
ATOM   44  C  "C5'" . DC  A 1 3 ? -5.008  4.874   -0.576  1.00 5.85  ? 3  DC  A "C5'" 1 
ATOM   45  C  "C4'" . DC  A 1 3 ? -4.236  3.644   -0.896  1.00 4.79  ? 3  DC  A "C4'" 1 
ATOM   46  O  "O4'" . DC  A 1 3 ? -2.981  3.400   -0.198  1.00 4.78  ? 3  DC  A "O4'" 1 
ATOM   47  C  "C3'" . DC  A 1 3 ? -4.969  2.260   -1.185  1.00 6.75  ? 3  DC  A "C3'" 1 
ATOM   48  O  "O3'" . DC  A 1 3 ? -4.431  1.803   -2.464  1.00 8.57  ? 3  DC  A "O3'" 1 
ATOM   49  C  "C2'" . DC  A 1 3 ? -4.469  1.314   -0.100  1.00 5.03  ? 3  DC  A "C2'" 1 
ATOM   50  C  "C1'" . DC  A 1 3 ? -2.997  1.983   0.218   1.00 4.46  ? 3  DC  A "C1'" 1 
ATOM   51  N  N1    . DC  A 1 3 ? -2.550  1.664   1.586   1.00 4.43  ? 3  DC  A N1    1 
ATOM   52  C  C2    . DC  A 1 3 ? -2.044  0.378   1.853   1.00 4.40  ? 3  DC  A C2    1 
ATOM   53  O  O2    . DC  A 1 3 ? -2.026  -0.455  0.936   1.00 5.20  ? 3  DC  A O2    1 
ATOM   54  N  N3    . DC  A 1 3 ? -1.627  0.048   3.101   1.00 3.67  ? 3  DC  A N3    1 
ATOM   55  C  C4    . DC  A 1 3 ? -1.687  0.964   4.063   1.00 3.81  ? 3  DC  A C4    1 
ATOM   56  N  N4    . DC  A 1 3 ? -1.268  0.657   5.293   1.00 4.46  ? 3  DC  A N4    1 
ATOM   57  C  C5    . DC  A 1 3 ? -2.188  2.281   3.827   1.00 4.36  ? 3  DC  A C5    1 
ATOM   58  C  C6    . DC  A 1 3 ? -2.601  2.580   2.601   1.00 4.36  ? 3  DC  A C6    1 
ATOM   59  P  P     . DG  A 1 4 ? -4.835  2.428   -3.888  1.00 10.20 ? 4  DG  A P     1 
ATOM   60  O  OP1   . DG  A 1 4 ? -6.359  2.795   -3.828  1.00 8.66  ? 4  DG  A OP1   1 
ATOM   61  O  OP2   . DG  A 1 4 ? -4.362  1.443   -4.901  1.00 8.54  ? 4  DG  A OP2   1 
ATOM   62  O  "O5'" . DG  A 1 4 ? -3.820  3.820   -4.021  1.00 8.31  ? 4  DG  A "O5'" 1 
ATOM   63  C  "C5'" . DG  A 1 4 ? -3.583  4.535   -5.307  1.00 8.00  ? 4  DG  A "C5'" 1 
ATOM   64  C  "C4'" . DG  A 1 4 ? -2.617  5.802   -5.091  1.00 9.44  ? 4  DG  A "C4'" 1 
ATOM   65  O  "O4'" . DG  A 1 4 ? -2.956  6.514   -3.889  1.00 8.16  ? 4  DG  A "O4'" 1 
ATOM   66  C  "C3'" . DG  A 1 4 ? -1.013  5.972   -5.431  1.00 9.47  ? 4  DG  A "C3'" 1 
ATOM   67  O  "O3'" . DG  A 1 4 ? -0.725  6.229   -6.846  1.00 12.56 ? 4  DG  A "O3'" 1 
ATOM   68  C  "C2'" . DG  A 1 4 ? -0.515  7.202   -4.607  1.00 8.35  ? 4  DG  A "C2'" 1 
ATOM   69  C  "C1'" . DG  A 1 4 ? -1.715  7.383   -3.560  1.00 7.57  ? 4  DG  A "C1'" 1 
ATOM   70  N  N9    . DG  A 1 4 ? -1.426  7.228   -2.123  1.00 7.19  ? 4  DG  A N9    1 
ATOM   71  C  C8    . DG  A 1 4 ? -1.712  8.117   -1.105  1.00 7.41  ? 4  DG  A C8    1 
ATOM   72  N  N7    . DG  A 1 4 ? -1.323  7.719   0.081   1.00 7.21  ? 4  DG  A N7    1 
ATOM   73  C  C5    . DG  A 1 4 ? -0.728  6.488   -0.170  1.00 6.26  ? 4  DG  A C5    1 
ATOM   74  C  C6    . DG  A 1 4 ? -0.118  5.573   0.724   1.00 6.29  ? 4  DG  A C6    1 
ATOM   75  O  O6    . DG  A 1 4 ? 0.028   5.651   1.951   1.00 6.15  ? 4  DG  A O6    1 
ATOM   76  N  N1    . DG  A 1 4 ? 0.344   4.441   0.056   1.00 7.12  ? 4  DG  A N1    1 
ATOM   77  C  C2    . DG  A 1 4 ? 0.226   4.206   -1.296  1.00 6.18  ? 4  DG  A C2    1 
ATOM   78  N  N2    . DG  A 1 4 ? 0.739   3.060   -1.755  1.00 5.50  ? 4  DG  A N2    1 
ATOM   79  N  N3    . DG  A 1 4 ? -0.351  5.055   -2.138  1.00 7.01  ? 4  DG  A N3    1 
ATOM   80  C  C4    . DG  A 1 4 ? -0.802  6.166   -1.505  1.00 6.53  ? 4  DG  A C4    1 
ATOM   81  P  P     . DC  A 1 5 ? 0.327   5.636   -7.958  1.00 16.44 ? 5  DC  A P     1 
ATOM   82  O  OP1   . DC  A 1 5 ? 0.682   6.648   -9.085  1.00 18.48 ? 5  DC  A OP1   1 
ATOM   83  O  OP2   . DC  A 1 5 ? -0.318  4.307   -8.428  1.00 18.19 ? 5  DC  A OP2   1 
ATOM   84  O  "O5'" . DC  A 1 5 ? 1.812   5.436   -7.235  1.00 13.62 ? 5  DC  A "O5'" 1 
ATOM   85  C  "C5'" . DC  A 1 5 ? 3.085   5.145   -8.027  1.00 12.65 ? 5  DC  A "C5'" 1 
ATOM   86  C  "C4'" . DC  A 1 5 ? 3.871   4.072   -7.331  1.00 12.08 ? 5  DC  A "C4'" 1 
ATOM   87  O  "O4'" . DC  A 1 5 ? 4.615   4.575   -6.189  1.00 11.32 ? 5  DC  A "O4'" 1 
ATOM   88  C  "C3'" . DC  A 1 5 ? 3.051   2.745   -6.817  1.00 11.81 ? 5  DC  A "C3'" 1 
ATOM   89  O  "O3'" . DC  A 1 5 ? 4.033   1.688   -6.940  1.00 14.00 ? 5  DC  A "O3'" 1 
ATOM   90  C  "C2'" . DC  A 1 5 ? 2.654   3.074   -5.361  1.00 9.95  ? 5  DC  A "C2'" 1 
ATOM   91  C  "C1'" . DC  A 1 5 ? 3.972   3.964   -4.952  1.00 9.98  ? 5  DC  A "C1'" 1 
ATOM   92  N  N1    . DC  A 1 5 ? 3.758   4.976   -3.906  1.00 8.65  ? 5  DC  A N1    1 
ATOM   93  C  C2    . DC  A 1 5 ? 4.251   4.727   -2.615  1.00 8.63  ? 5  DC  A C2    1 
ATOM   94  O  O2    . DC  A 1 5 ? 4.846   3.672   -2.384  1.00 8.49  ? 5  DC  A O2    1 
ATOM   95  N  N3    . DC  A 1 5 ? 4.063   5.650   -1.639  1.00 8.67  ? 5  DC  A N3    1 
ATOM   96  C  C4    . DC  A 1 5 ? 3.416   6.789   -1.915  1.00 7.64  ? 5  DC  A C4    1 
ATOM   97  N  N4    . DC  A 1 5 ? 3.225   7.683   -0.940  1.00 6.83  ? 5  DC  A N4    1 
ATOM   98  C  C5    . DC  A 1 5 ? 2.891   7.048   -3.216  1.00 7.67  ? 5  DC  A C5    1 
ATOM   99  C  C6    . DC  A 1 5 ? 3.074   6.130   -4.161  1.00 7.72  ? 5  DC  A C6    1 
ATOM   100 P  P     . DG  A 1 6 ? 4.260   0.810   -8.263  1.00 15.28 ? 6  DG  A P     1 
ATOM   101 O  OP1   . DG  A 1 6 ? 2.816   0.252   -8.673  1.00 16.69 ? 6  DG  A OP1   1 
ATOM   102 O  OP2   . DG  A 1 6 ? 5.362   -0.170  -8.021  1.00 14.08 ? 6  DG  A OP2   1 
ATOM   103 O  "O5'" . DG  A 1 6 ? 4.808   1.951   -9.395  1.00 13.90 ? 6  DG  A "O5'" 1 
ATOM   104 C  "C5'" . DG  A 1 6 ? 6.283   2.100   -9.938  1.00 9.86  ? 6  DG  A "C5'" 1 
ATOM   105 C  "C4'" . DG  A 1 6 ? 6.347   3.055   -11.150 1.00 7.62  ? 6  DG  A "C4'" 1 
ATOM   106 O  "O4'" . DG  A 1 6 ? 5.800   4.324   -10.767 1.00 7.17  ? 6  DG  A "O4'" 1 
ATOM   107 C  "C3'" . DG  A 1 6 ? 7.839   3.458   -11.797 1.00 8.96  ? 6  DG  A "C3'" 1 
ATOM   108 O  "O3'" . DG  A 1 6 ? 7.793   3.734   -13.226 1.00 7.70  ? 6  DG  A "O3'" 1 
ATOM   109 C  "C2'" . DG  A 1 6 ? 8.384   4.682   -10.982 1.00 7.83  ? 6  DG  A "C2'" 1 
ATOM   110 C  "C1'" . DG  A 1 6 ? 6.993   5.330   -10.674 1.00 7.34  ? 6  DG  A "C1'" 1 
ATOM   111 N  N9    . DG  A 1 6 ? 6.856   6.220   -9.521  1.00 7.74  ? 6  DG  A N9    1 
ATOM   112 C  C8    . DG  A 1 6 ? 6.378   7.520   -9.587  1.00 8.33  ? 6  DG  A C8    1 
ATOM   113 N  N7    . DG  A 1 6 ? 6.340   8.113   -8.428  1.00 8.70  ? 6  DG  A N7    1 
ATOM   114 C  C5    . DG  A 1 6 ? 6.821   7.156   -7.531  1.00 7.95  ? 6  DG  A C5    1 
ATOM   115 C  C6    . DG  A 1 6 ? 7.009   7.232   -6.121  1.00 7.86  ? 6  DG  A C6    1 
ATOM   116 O  O6    . DG  A 1 6 ? 6.751   8.207   -5.395  1.00 7.67  ? 6  DG  A O6    1 
ATOM   117 N  N1    . DG  A 1 6 ? 7.516   6.038   -5.591  1.00 6.36  ? 6  DG  A N1    1 
ATOM   118 C  C2    . DG  A 1 6 ? 7.807   4.927   -6.349  1.00 6.21  ? 6  DG  A C2    1 
ATOM   119 N  N2    . DG  A 1 6 ? 8.261   3.829   -5.718  1.00 6.23  ? 6  DG  A N2    1 
ATOM   120 N  N3    . DG  A 1 6 ? 7.622   4.842   -7.664  1.00 6.94  ? 6  DG  A N3    1 
ATOM   121 C  C4    . DG  A 1 6 ? 7.135   5.988   -8.193  1.00 7.31  ? 6  DG  A C4    1 
HETATM 122 N  N1    . BRU B 1 1 ? 7.713   6.855   -0.702  1.00 7.60  ? 7  BRU B N1    1 
HETATM 123 C  C2    . BRU B 1 1 ? 7.750   6.934   -2.102  1.00 7.44  ? 7  BRU B C2    1 
HETATM 124 N  N3    . BRU B 1 1 ? 7.146   8.045   -2.641  1.00 5.84  ? 7  BRU B N3    1 
HETATM 125 C  C4    . BRU B 1 1 ? 6.545   9.077   -1.947  1.00 7.23  ? 7  BRU B C4    1 
HETATM 126 C  C5    . BRU B 1 1 ? 6.560   8.926   -0.502  1.00 7.25  ? 7  BRU B C5    1 
HETATM 127 C  C6    . BRU B 1 1 ? 7.126   7.852   0.051   1.00 5.94  ? 7  BRU B C6    1 
HETATM 128 O  O2    . BRU B 1 1 ? 8.264   6.066   -2.799  1.00 6.77  ? 7  BRU B O2    1 
HETATM 129 O  O4    . BRU B 1 1 ? 6.044   10.033  -2.535  1.00 6.85  ? 7  BRU B O4    1 
HETATM 130 BR BR    . BRU B 1 1 ? 5.793   10.149  0.584   1.00 9.78  ? 7  BRU B BR    1 
HETATM 131 C  "C1'" . BRU B 1 1 ? 8.391   5.724   -0.045  1.00 6.02  ? 7  BRU B "C1'" 1 
HETATM 132 C  "C2'" . BRU B 1 1 ? 9.984   6.187   0.159   1.00 6.94  ? 7  BRU B "C2'" 1 
HETATM 133 C  "C3'" . BRU B 1 1 ? 10.379  5.163   1.223   1.00 5.99  ? 7  BRU B "C3'" 1 
HETATM 134 C  "C4'" . BRU B 1 1 ? 9.002   5.025   2.125   1.00 4.59  ? 7  BRU B "C4'" 1 
HETATM 135 O  "O3'" . BRU B 1 1 ? 10.690  3.908   0.591   1.00 6.92  ? 7  BRU B "O3'" 1 
HETATM 136 O  "O4'" . BRU B 1 1 ? 7.844   5.217   1.250   1.00 4.90  ? 7  BRU B "O4'" 1 
HETATM 137 C  "C5'" . BRU B 1 1 ? 8.918   5.977   3.291   1.00 4.07  ? 7  BRU B "C5'" 1 
HETATM 138 O  "O5'" . BRU B 1 1 ? 9.103   7.373   2.773   1.00 3.14  ? 7  BRU B "O5'" 1 
ATOM   139 P  P     . DG  B 1 2 ? 11.373  2.708   1.402   1.00 8.83  ? 8  DG  B P     1 
ATOM   140 O  OP1   . DG  B 1 2 ? 12.741  3.338   1.920   1.00 9.00  ? 8  DG  B OP1   1 
ATOM   141 O  OP2   . DG  B 1 2 ? 11.405  1.493   0.545   1.00 7.31  ? 8  DG  B OP2   1 
ATOM   142 O  "O5'" . DG  B 1 2 ? 10.252  2.385   2.655   1.00 8.38  ? 8  DG  B "O5'" 1 
ATOM   143 C  "C5'" . DG  B 1 2 ? 9.541   1.069   3.047   1.00 7.61  ? 8  DG  B "C5'" 1 
ATOM   144 C  "C4'" . DG  B 1 2 ? 8.576   1.083   4.304   1.00 6.41  ? 8  DG  B "C4'" 1 
ATOM   145 O  "O4'" . DG  B 1 2 ? 8.237   2.424   4.689   1.00 5.23  ? 8  DG  B "O4'" 1 
ATOM   146 C  "C3'" . DG  B 1 2 ? 7.118   0.287   4.141   1.00 8.17  ? 8  DG  B "C3'" 1 
ATOM   147 O  "O3'" . DG  B 1 2 ? 7.165   -1.124  4.543   1.00 10.72 ? 8  DG  B "O3'" 1 
ATOM   148 C  "C2'" . DG  B 1 2 ? 6.052   0.951   5.071   1.00 7.86  ? 8  DG  B "C2'" 1 
ATOM   149 C  "C1'" . DG  B 1 2 ? 6.763   2.383   5.210   1.00 6.08  ? 8  DG  B "C1'" 1 
ATOM   150 N  N9    . DG  B 1 2 ? 6.044   3.521   4.621   1.00 4.51  ? 8  DG  B N9    1 
ATOM   151 C  C8    . DG  B 1 2 ? 5.655   4.673   5.261   1.00 4.58  ? 8  DG  B C8    1 
ATOM   152 N  N7    . DG  B 1 2 ? 5.049   5.521   4.480   1.00 3.80  ? 8  DG  B N7    1 
ATOM   153 C  C5    . DG  B 1 2 ? 5.029   4.887   3.244   1.00 4.69  ? 8  DG  B C5    1 
ATOM   154 C  C6    . DG  B 1 2 ? 4.511   5.318   2.001   1.00 3.98  ? 8  DG  B C6    1 
ATOM   155 O  O6    . DG  B 1 2 ? 3.952   6.383   1.731   1.00 3.47  ? 8  DG  B O6    1 
ATOM   156 N  N1    . DG  B 1 2 ? 4.695   4.366   1.000   1.00 4.31  ? 8  DG  B N1    1 
ATOM   157 C  C2    . DG  B 1 2 ? 5.317   3.153   1.169   1.00 4.22  ? 8  DG  B C2    1 
ATOM   158 N  N2    . DG  B 1 2 ? 5.408   2.397   0.061   1.00 4.21  ? 8  DG  B N2    1 
ATOM   159 N  N3    . DG  B 1 2 ? 5.822   2.739   2.327   1.00 4.44  ? 8  DG  B N3    1 
ATOM   160 C  C4    . DG  B 1 2 ? 5.640   3.654   3.309   1.00 4.72  ? 8  DG  B C4    1 
ATOM   161 P  P     . DC  B 1 3 ? 6.811   -2.346  3.531   1.00 11.48 ? 9  DC  B P     1 
ATOM   162 O  OP1   . DC  B 1 3 ? 7.350   -3.559  4.202   1.00 12.96 ? 9  DC  B OP1   1 
ATOM   163 O  OP2   . DC  B 1 3 ? 7.484   -1.973  2.188   1.00 8.67  ? 9  DC  B OP2   1 
ATOM   164 O  "O5'" . DC  B 1 3 ? 5.072   -2.515  3.570   1.00 9.50  ? 9  DC  B "O5'" 1 
ATOM   165 C  "C5'" . DC  B 1 3 ? 4.378   -3.649  2.862   1.00 8.65  ? 9  DC  B "C5'" 1 
ATOM   166 C  "C4'" . DC  B 1 3 ? 3.660   -3.211  1.620   1.00 7.60  ? 9  DC  B "C4'" 1 
ATOM   167 O  "O4'" . DC  B 1 3 ? 2.518   -2.347  1.928   1.00 5.51  ? 9  DC  B "O4'" 1 
ATOM   168 C  "C3'" . DC  B 1 3 ? 4.437   -2.585  0.351   1.00 7.46  ? 9  DC  B "C3'" 1 
ATOM   169 O  "O3'" . DC  B 1 3 ? 3.743   -3.066  -0.842  1.00 9.19  ? 9  DC  B "O3'" 1 
ATOM   170 C  "C2'" . DC  B 1 3 ? 4.295   -1.067  0.572   1.00 5.75  ? 9  DC  B "C2'" 1 
ATOM   171 C  "C1'" . DC  B 1 3 ? 2.738   -1.104  1.136   1.00 4.04  ? 9  DC  B "C1'" 1 
ATOM   172 N  N1    . DC  B 1 3 ? 2.414   0.128   1.860   1.00 4.57  ? 9  DC  B N1    1 
ATOM   173 C  C2    . DC  B 1 3 ? 1.784   1.130   1.119   1.00 4.06  ? 9  DC  B C2    1 
ATOM   174 O  O2    . DC  B 1 3 ? 1.507   0.925   -0.067  1.00 5.05  ? 9  DC  B O2    1 
ATOM   175 N  N3    . DC  B 1 3 ? 1.487   2.304   1.730   1.00 4.03  ? 9  DC  B N3    1 
ATOM   176 C  C4    . DC  B 1 3 ? 1.770   2.489   3.019   1.00 4.37  ? 9  DC  B C4    1 
ATOM   177 N  N4    . DC  B 1 3 ? 1.427   3.671   3.547   1.00 4.38  ? 9  DC  B N4    1 
ATOM   178 C  C5    . DC  B 1 3 ? 2.431   1.483   3.783   1.00 3.02  ? 9  DC  B C5    1 
ATOM   179 C  C6    . DC  B 1 3 ? 2.721   0.340   3.179   1.00 3.36  ? 9  DC  B C6    1 
ATOM   180 P  P     . DG  B 1 4 ? 4.061   -4.504  -1.494  1.00 11.71 ? 10 DG  B P     1 
ATOM   181 O  OP1   . DG  B 1 4 ? 5.651   -4.615  -1.614  1.00 10.63 ? 10 DG  B OP1   1 
ATOM   182 O  OP2   . DG  B 1 4 ? 3.280   -4.745  -2.738  1.00 9.54  ? 10 DG  B OP2   1 
ATOM   183 O  "O5'" . DG  B 1 4 ? 3.409   -5.540  -0.317  1.00 9.83  ? 10 DG  B "O5'" 1 
ATOM   184 C  "C5'" . DG  B 1 4 ? 1.968   -6.212  -0.256  1.00 6.24  ? 10 DG  B "C5'" 1 
ATOM   185 C  "C4'" . DG  B 1 4 ? 1.902   -7.253  0.889   1.00 5.79  ? 10 DG  B "C4'" 1 
ATOM   186 O  "O4'" . DG  B 1 4 ? 2.615   -6.806  2.068   1.00 4.35  ? 10 DG  B "O4'" 1 
ATOM   187 C  "C3'" . DG  B 1 4 ? 0.412   -7.900  1.327   1.00 5.09  ? 10 DG  B "C3'" 1 
ATOM   188 O  "O3'" . DG  B 1 4 ? 0.154   -9.141  0.589   1.00 4.79  ? 10 DG  B "O3'" 1 
ATOM   189 C  "C2'" . DG  B 1 4 ? 0.468   -8.166  2.828   1.00 4.45  ? 10 DG  B "C2'" 1 
ATOM   190 C  "C1'" . DG  B 1 4 ? 1.742   -7.223  3.240   1.00 3.86  ? 10 DG  B "C1'" 1 
ATOM   191 N  N9    . DG  B 1 4 ? 1.326   -6.018  3.982   1.00 3.77  ? 10 DG  B N9    1 
ATOM   192 C  C8    . DG  B 1 4 ? 1.568   -5.767  5.308   1.00 3.63  ? 10 DG  B C8    1 
ATOM   193 N  N7    . DG  B 1 4 ? 1.076   -4.634  5.717   1.00 4.99  ? 10 DG  B N7    1 
ATOM   194 C  C5    . DG  B 1 4 ? 0.469   -4.099  4.587   1.00 4.84  ? 10 DG  B C5    1 
ATOM   195 C  C6    . DG  B 1 4 ? -0.233  -2.879  4.430   1.00 5.11  ? 10 DG  B C6    1 
ATOM   196 O  O6    . DG  B 1 4 ? -0.476  -2.016  5.288   1.00 5.45  ? 10 DG  B O6    1 
ATOM   197 N  N1    . DG  B 1 4 ? -0.670  -2.714  3.119   1.00 4.19  ? 10 DG  B N1    1 
ATOM   198 C  C2    . DG  B 1 4 ? -0.505  -3.633  2.112   1.00 4.42  ? 10 DG  B C2    1 
ATOM   199 N  N2    . DG  B 1 4 ? -1.028  -3.278  0.928   1.00 4.65  ? 10 DG  B N2    1 
ATOM   200 N  N3    . DG  B 1 4 ? 0.151   -4.775  2.251   1.00 3.65  ? 10 DG  B N3    1 
ATOM   201 C  C4    . DG  B 1 4 ? 0.617   -4.936  3.509   1.00 4.37  ? 10 DG  B C4    1 
ATOM   202 P  P     . DC  B 1 5 ? -1.481  -9.731  0.471   1.00 5.79  ? 11 DC  B P     1 
ATOM   203 O  OP1   . DC  B 1 5 ? -2.180  -9.950  1.837   1.00 8.57  ? 11 DC  B OP1   1 
ATOM   204 O  OP2   . DC  B 1 5 ? -1.529  -10.982 -0.346  1.00 9.27  ? 11 DC  B OP2   1 
ATOM   205 O  "O5'" . DC  B 1 5 ? -2.325  -8.601  -0.283  1.00 7.26  ? 11 DC  B "O5'" 1 
ATOM   206 C  "C5'" . DC  B 1 5 ? -3.757  -8.994  -0.748  1.00 4.59  ? 11 DC  B "C5'" 1 
ATOM   207 C  "C4'" . DC  B 1 5 ? -4.551  -7.762  -1.042  1.00 5.74  ? 11 DC  B "C4'" 1 
ATOM   208 O  "O4'" . DC  B 1 5 ? -5.259  -7.188  0.099   1.00 4.98  ? 11 DC  B "O4'" 1 
ATOM   209 C  "C3'" . DC  B 1 5 ? -3.805  -6.534  -1.835  1.00 5.87  ? 11 DC  B "C3'" 1 
ATOM   210 O  "O3'" . DC  B 1 5 ? -4.771  -6.054  -2.794  1.00 7.69  ? 11 DC  B "O3'" 1 
ATOM   211 C  "C2'" . DC  B 1 5 ? -3.385  -5.570  -0.716  1.00 4.94  ? 11 DC  B "C2'" 1 
ATOM   212 C  "C1'" . DC  B 1 5 ? -4.593  -5.849  0.354   1.00 3.90  ? 11 DC  B "C1'" 1 
ATOM   213 N  N1    . DC  B 1 5 ? -4.238  -5.614  1.762   1.00 3.88  ? 11 DC  B N1    1 
ATOM   214 C  C2    . DC  B 1 5 ? -4.507  -4.356  2.339   1.00 3.32  ? 11 DC  B C2    1 
ATOM   215 O  O2    . DC  B 1 5 ? -5.030  -3.479  1.635   1.00 4.35  ? 11 DC  B O2    1 
ATOM   216 N  N3    . DC  B 1 5 ? -4.178  -4.124  3.631   1.00 2.00  ? 11 DC  B N3    1 
ATOM   217 C  C4    . DC  B 1 5 ? -3.613  -5.098  4.345   1.00 2.06  ? 11 DC  B C4    1 
ATOM   218 N  N4    . DC  B 1 5 ? -3.293  -4.909  5.628   1.00 3.02  ? 11 DC  B N4    1 
ATOM   219 C  C5    . DC  B 1 5 ? -3.327  -6.385  3.792   1.00 2.21  ? 11 DC  B C5    1 
ATOM   220 C  C6    . DC  B 1 5 ? -3.645  -6.585  2.517   1.00 3.26  ? 11 DC  B C6    1 
ATOM   221 P  P     . DG  B 1 6 ? -4.900  -6.577  -4.304  1.00 9.94  ? 12 DG  B P     1 
ATOM   222 O  OP1   . DG  B 1 6 ? -3.445  -6.850  -4.857  1.00 9.90  ? 12 DG  B OP1   1 
ATOM   223 O  OP2   . DG  B 1 6 ? -5.589  -5.515  -5.105  1.00 8.61  ? 12 DG  B OP2   1 
ATOM   224 O  "O5'" . DG  B 1 6 ? -5.916  -7.967  -4.176  1.00 8.71  ? 12 DG  B "O5'" 1 
ATOM   225 C  "C5'" . DG  B 1 6 ? -7.482  -8.028  -4.042  1.00 9.19  ? 12 DG  B "C5'" 1 
ATOM   226 C  "C4'" . DG  B 1 6 ? -8.060  -9.519  -4.008  1.00 7.44  ? 12 DG  B "C4'" 1 
ATOM   227 O  "O4'" . DG  B 1 6 ? -7.400  -10.166 -2.903  1.00 6.48  ? 12 DG  B "O4'" 1 
ATOM   228 C  "C3'" . DG  B 1 6 ? -9.675  -9.852  -3.798  1.00 7.87  ? 12 DG  B "C3'" 1 
ATOM   229 O  "O3'" . DG  B 1 6 ? -10.368 -11.009 -4.444  1.00 6.97  ? 12 DG  B "O3'" 1 
ATOM   230 C  "C2'" . DG  B 1 6 ? -9.885  -10.045 -2.283  1.00 6.36  ? 12 DG  B "C2'" 1 
ATOM   231 C  "C1'" . DG  B 1 6 ? -8.482  -10.593 -1.887  1.00 6.00  ? 12 DG  B "C1'" 1 
ATOM   232 N  N9    . DG  B 1 6 ? -8.046  -10.421 -0.494  1.00 5.31  ? 12 DG  B N9    1 
ATOM   233 C  C8    . DG  B 1 6 ? -7.511  -11.396 0.315   1.00 5.33  ? 12 DG  B C8    1 
ATOM   234 N  N7    . DG  B 1 6 ? -7.215  -10.974 1.515   1.00 5.89  ? 12 DG  B N7    1 
ATOM   235 C  C5    . DG  B 1 6 ? -7.563  -9.623  1.509   1.00 5.60  ? 12 DG  B C5    1 
ATOM   236 C  C6    . DG  B 1 6 ? -7.488  -8.636  2.524   1.00 5.42  ? 12 DG  B C6    1 
ATOM   237 O  O6    . DG  B 1 6 ? -7.086  -8.791  3.690   1.00 6.66  ? 12 DG  B O6    1 
ATOM   238 N  N1    . DG  B 1 6 ? -7.939  -7.386  2.081   1.00 4.18  ? 12 DG  B N1    1 
ATOM   239 C  C2    . DG  B 1 6 ? -8.429  -7.134  0.823   1.00 5.32  ? 12 DG  B C2    1 
ATOM   240 N  N2    . DG  B 1 6 ? -8.824  -5.875  0.549   1.00 5.39  ? 12 DG  B N2    1 
ATOM   241 N  N3    . DG  B 1 6 ? -8.537  -8.059  -0.130  1.00 4.73  ? 12 DG  B N3    1 
ATOM   242 C  C4    . DG  B 1 6 ? -8.071  -9.267  0.280   1.00 5.39  ? 12 DG  B C4    1 
HETATM 243 MG MG    . MG  C 2 . ? -1.475  -9.687  -4.449  1.00 23.53 ? 13 MG  B MG    1 
HETATM 244 O  O     . HOH D 3 . ? -2.759  -0.882  9.478   1.00 23.41 ? 15 HOH A O     1 
HETATM 245 O  O     . HOH D 3 . ? -7.899  4.855   -2.713  1.00 10.07 ? 17 HOH A O     1 
HETATM 246 O  O     . HOH D 3 . ? -9.082  7.028   4.955   1.00 3.06  ? 18 HOH A O     1 
HETATM 247 O  O     . HOH D 3 . ? -8.160  0.471   0.904   1.00 2.00  ? 20 HOH A O     1 
HETATM 248 O  O     . HOH D 3 . ? 8.768   6.803   -14.562 1.00 27.17 ? 22 HOH A O     1 
HETATM 249 O  O     . HOH D 3 . ? -11.245 -1.310  10.154  1.00 15.59 ? 23 HOH A O     1 
HETATM 250 O  O     . HOH D 3 . ? 8.224   1.167   -7.438  1.00 2.82  ? 24 HOH A O     1 
HETATM 251 O  O     . HOH D 3 . ? 0.337   7.371   4.333   1.00 36.32 ? 26 HOH A O     1 
HETATM 252 O  O     . HOH D 3 . ? -2.791  -1.113  -2.190  1.00 31.85 ? 28 HOH A O     1 
HETATM 253 O  O     . HOH D 3 . ? 5.919   -2.119  -10.077 1.00 10.80 ? 30 HOH A O     1 
HETATM 254 O  O     . HOH D 3 . ? 6.074   11.609  -8.901  1.00 18.91 ? 31 HOH A O     1 
HETATM 255 O  O     . HOH D 3 . ? 4.828   9.767   -6.584  1.00 15.30 ? 32 HOH A O     1 
HETATM 256 O  O     . HOH D 3 . ? -10.795 5.787   2.888   1.00 31.29 ? 38 HOH A O     1 
HETATM 257 O  O     . HOH D 3 . ? -0.181  1.450   -4.804  1.00 22.72 ? 41 HOH A O     1 
HETATM 258 O  O     . HOH D 3 . ? -10.871 -0.702  1.541   1.00 17.14 ? 43 HOH A O     1 
HETATM 259 O  O     . HOH D 3 . ? -2.208  9.029   -12.349 1.00 38.11 ? 44 HOH A O     1 
HETATM 260 O  O     . HOH D 3 . ? -0.237  2.781   7.384   1.00 31.95 ? 45 HOH A O     1 
HETATM 261 O  O     . HOH D 3 . ? -5.259  -2.183  10.452  1.00 16.16 ? 47 HOH A O     1 
HETATM 262 O  O     . HOH D 3 . ? -17.571 3.987   3.595   1.00 17.02 ? 55 HOH A O     1 
HETATM 263 O  O     . HOH D 3 . ? -0.638  9.035   -9.393  1.00 30.96 ? 62 HOH A O     1 
HETATM 264 O  O     . HOH D 3 . ? -14.210 3.300   3.123   1.00 40.45 ? 63 HOH A O     1 
HETATM 265 O  O     . HOH D 3 . ? 8.665   2.640   -2.960  1.00 43.47 ? 67 HOH A O     1 
HETATM 266 O  O     . HOH D 3 . ? 0.022   9.863   1.482   1.00 42.63 ? 73 HOH A O     1 
HETATM 267 O  O     . HOH D 3 . ? 8.310   -0.547  -11.078 1.00 25.13 ? 74 HOH A O     1 
HETATM 268 O  O     . HOH D 3 . ? -0.644  1.053   -8.839  1.00 56.66 ? 75 HOH A O     1 
HETATM 269 O  O     . HOH D 3 . ? 8.606   12.999  -7.354  1.00 48.59 ? 76 HOH A O     1 
HETATM 270 O  O     . HOH E 3 . ? -4.676  -11.034 3.178   1.00 8.99  ? 14 HOH B O     1 
HETATM 271 O  O     . HOH E 3 . ? 7.714   0.550   0.667   1.00 19.27 ? 16 HOH B O     1 
HETATM 272 O  O     . HOH E 3 . ? 3.076   -1.117  6.393   1.00 29.17 ? 19 HOH B O     1 
HETATM 273 O  O     . HOH E 3 . ? 7.311   -5.505  0.756   1.00 3.42  ? 21 HOH B O     1 
HETATM 274 O  O     . HOH E 3 . ? -8.690  -10.260 -6.938  1.00 15.56 ? 25 HOH B O     1 
HETATM 275 O  O     . HOH E 3 . ? -3.199  -13.411 0.169   1.00 11.61 ? 27 HOH B O     1 
HETATM 276 O  O     . HOH E 3 . ? 5.830   -5.715  -6.130  1.00 16.94 ? 29 HOH B O     1 
HETATM 277 O  O     . HOH E 3 . ? 4.797   9.654   4.062   1.00 25.24 ? 33 HOH B O     1 
HETATM 278 O  O     . HOH E 3 . ? 1.714   -10.312 -2.587  1.00 16.82 ? 34 HOH B O     1 
HETATM 279 O  O     . HOH E 3 . ? 5.353   -7.663  2.032   1.00 20.00 ? 35 HOH B O     1 
HETATM 280 O  O     . HOH E 3 . ? 8.452   -2.661  -0.410  1.00 29.60 ? 36 HOH B O     1 
HETATM 281 O  O     . HOH E 3 . ? 9.755   -5.305  3.408   1.00 33.59 ? 37 HOH B O     1 
HETATM 282 O  O     . HOH E 3 . ? 0.547   -3.445  -1.510  1.00 18.75 ? 39 HOH B O     1 
HETATM 283 O  O     . HOH E 3 . ? -5.813  -2.159  -0.726  1.00 29.25 ? 40 HOH B O     1 
HETATM 284 O  O     . HOH E 3 . ? 4.808   12.737  -3.103  1.00 45.46 ? 42 HOH B O     1 
HETATM 285 O  O     . HOH E 3 . ? 2.785   -7.177  -7.004  1.00 21.81 ? 46 HOH B O     1 
HETATM 286 O  O     . HOH E 3 . ? -10.178 -3.683  1.862   1.00 17.47 ? 48 HOH B O     1 
HETATM 287 O  O     . HOH E 3 . ? 1.671   -12.658 -0.967  1.00 18.76 ? 49 HOH B O     1 
HETATM 288 O  O     . HOH E 3 . ? -0.342  -2.135  8.748   1.00 18.75 ? 50 HOH B O     1 
HETATM 289 O  O     . HOH E 3 . ? 15.117  4.393   0.314   1.00 33.84 ? 51 HOH B O     1 
HETATM 290 O  O     . HOH E 3 . ? -0.628  -3.759  -4.800  1.00 53.85 ? 52 HOH B O     1 
HETATM 291 O  O     . HOH E 3 . ? 4.948   -3.050  -5.270  1.00 24.10 ? 53 HOH B O     1 
HETATM 292 O  O     . HOH E 3 . ? 6.864   -5.740  5.878   1.00 16.52 ? 54 HOH B O     1 
HETATM 293 O  O     . HOH E 3 . ? 2.539   8.547   2.610   1.00 6.49  ? 56 HOH B O     1 
HETATM 294 O  O     . HOH E 3 . ? 6.988   -1.200  -2.825  1.00 30.78 ? 57 HOH B O     1 
HETATM 295 O  O     . HOH E 3 . ? 14.225  1.875   3.672   1.00 23.99 ? 58 HOH B O     1 
HETATM 296 O  O     . HOH E 3 . ? -7.830  -0.541  -1.672  1.00 33.67 ? 59 HOH B O     1 
HETATM 297 O  O     . HOH E 3 . ? 6.879   -5.928  -4.345  1.00 28.24 ? 60 HOH B O     1 
HETATM 298 O  O     . HOH E 3 . ? -12.942 -9.771  -4.422  1.00 22.80 ? 61 HOH B O     1 
HETATM 299 O  O     . HOH E 3 . ? -6.160  -13.654 1.824   1.00 55.88 ? 64 HOH B O     1 
HETATM 300 O  O     . HOH E 3 . ? 8.549   -3.534  8.422   1.00 28.04 ? 65 HOH B O     1 
HETATM 301 O  O     . HOH E 3 . ? -1.024  -11.221 -3.170  1.00 45.63 ? 66 HOH B O     1 
HETATM 302 O  O     . HOH E 3 . ? 1.863   4.557   6.167   1.00 24.20 ? 68 HOH B O     1 
HETATM 303 O  O     . HOH E 3 . ? 10.997  0.153   -2.054  1.00 43.13 ? 69 HOH B O     1 
HETATM 304 O  O     . HOH E 3 . ? 6.441   7.938   5.375   1.00 23.23 ? 70 HOH B O     1 
HETATM 305 O  O     . HOH E 3 . ? -7.603  -3.679  -3.382  1.00 36.94 ? 71 HOH B O     1 
HETATM 306 O  O     . HOH E 3 . ? -4.781  -13.405 5.342   1.00 31.80 ? 72 HOH B O     1 
HETATM 307 O  O     . HOH E 3 . ? 9.997   -3.406  5.879   1.00 47.64 ? 77 HOH B O     1 
HETATM 308 O  O     . HOH E 3 . ? 3.703   0.500   -1.954  1.00 46.13 ? 78 HOH B O     1 
HETATM 309 O  O     . HOH E 3 . ? 2.018   -7.060  -4.323  1.00 56.80 ? 79 HOH B O     1 
HETATM 310 O  O     . HOH E 3 . ? 2.529   -0.563  9.882   1.00 27.58 ? 80 HOH B O     1 
# 
